data_1HZY
#
_entry.id   1HZY
#
_cell.length_a   128.4
_cell.length_b   90.03
_cell.length_c   68.4
_cell.angle_alpha   90.00
_cell.angle_beta   91.7
_cell.angle_gamma   90.00
#
_symmetry.space_group_name_H-M   'C 1 2 1'
#
loop_
_entity.id
_entity.type
_entity.pdbx_description
1 polymer PHOSPHOTRIESTERASE
2 non-polymer 'ZINC ION'
3 non-polymer 'SODIUM ION'
4 non-polymer 1,2-ETHANEDIOL
5 non-polymer 2-PHENYL-ETHANOL
6 non-polymer 'FORMIC ACID'
7 water water
#
_entity_poly.entity_id   1
_entity_poly.type   'polypeptide(L)'
_entity_poly.pdbx_seq_one_letter_code
;GDRINTVRGPITISEAGFTLTHEHICGSSAGFLRAWPEFFGSRKALAEKAVRGLRRARAAGVRTIVDVSTFDIGRDVSLL
AEVSRAADVHIVAATGLWFDPPLSMRLRSVEELTQFFLREIQYGIEDTGIRAGIIKVATTGKATPFQELVLKAAARASLA
TGVPVTTHTAASQRDGEQQAAIFESEGLSPSRVCIGHSDDTDDLSYLTALAARGYLIGLDHIPHSAIGLEDNASASALLG
IRSWQTRALLIKALIDQGYMKQILVSNDWLFGFSSYVTNIMDVMDRVNPDGMAFIPLRVIPFLREKGVPQETLAGITVTN
PARFLSPTLRAS
;
_entity_poly.pdbx_strand_id   A,B
#
loop_
_chem_comp.id
_chem_comp.type
_chem_comp.name
_chem_comp.formula
EDO non-polymer 1,2-ETHANEDIOL 'C2 H6 O2'
FMT non-polymer 'FORMIC ACID' 'C H2 O2'
NA non-polymer 'SODIUM ION' 'Na 1'
PEL non-polymer 2-PHENYL-ETHANOL 'C8 H10 O'
ZN non-polymer 'ZINC ION' 'Zn 2'
#
# COMPACT_ATOMS: atom_id res chain seq x y z
N ASP A 2 -26.52 -0.54 21.54
CA ASP A 2 -26.35 -1.56 22.53
C ASP A 2 -25.28 -2.58 22.16
N ARG A 3 -24.69 -2.46 20.95
CA ARG A 3 -23.66 -3.42 20.57
C ARG A 3 -22.47 -2.76 19.91
N ILE A 4 -21.30 -3.37 20.18
CA ILE A 4 -20.00 -2.95 19.64
C ILE A 4 -19.52 -4.05 18.70
N ASN A 5 -19.14 -3.65 17.48
CA ASN A 5 -18.66 -4.65 16.52
C ASN A 5 -17.22 -5.03 16.82
N THR A 6 -16.95 -6.35 16.88
CA THR A 6 -15.63 -6.88 17.11
C THR A 6 -15.33 -7.84 15.99
N VAL A 7 -14.10 -8.33 15.92
CA VAL A 7 -13.69 -9.27 14.87
C VAL A 7 -14.38 -10.61 15.00
N ARG A 8 -15.03 -10.86 16.16
CA ARG A 8 -15.80 -12.10 16.37
C ARG A 8 -17.31 -11.81 16.30
N GLY A 9 -17.70 -10.61 15.94
CA GLY A 9 -19.11 -10.26 15.87
C GLY A 9 -19.42 -9.19 16.91
N PRO A 10 -20.72 -8.90 17.04
CA PRO A 10 -21.12 -7.88 17.99
C PRO A 10 -21.01 -8.35 19.45
N ILE A 11 -20.67 -7.42 20.35
CA ILE A 11 -20.62 -7.72 21.76
C ILE A 11 -21.51 -6.67 22.44
N THR A 12 -22.03 -6.95 23.65
CA THR A 12 -22.84 -5.95 24.35
C THR A 12 -21.87 -5.03 25.02
N ILE A 13 -22.37 -3.85 25.35
CA ILE A 13 -21.53 -2.88 26.01
C ILE A 13 -20.86 -3.41 27.29
N SER A 14 -21.61 -4.19 28.07
CA SER A 14 -21.03 -4.71 29.29
C SER A 14 -19.92 -5.74 29.07
N GLU A 15 -19.92 -6.41 27.94
CA GLU A 15 -18.91 -7.39 27.65
C GLU A 15 -17.53 -6.78 27.36
N ALA A 16 -17.49 -5.50 26.97
CA ALA A 16 -16.19 -4.90 26.68
C ALA A 16 -15.24 -4.90 27.86
N GLY A 17 -15.76 -4.58 29.05
CA GLY A 17 -14.95 -4.54 30.28
C GLY A 17 -13.70 -3.66 30.13
N PHE A 18 -12.67 -4.02 30.85
CA PHE A 18 -11.39 -3.28 30.79
C PHE A 18 -10.87 -3.24 29.35
N THR A 19 -10.84 -2.04 28.74
CA THR A 19 -10.41 -1.91 27.33
C THR A 19 -9.20 -1.00 27.05
N LEU A 20 -8.32 -1.47 26.19
CA LEU A 20 -7.15 -0.71 25.73
C LEU A 20 -7.65 -0.08 24.41
N THR A 21 -7.78 1.26 24.38
CA THR A 21 -8.33 1.92 23.18
C THR A 21 -7.45 2.27 21.98
N HIS A 22 -6.13 2.04 22.05
CA HIS A 22 -5.23 2.32 20.94
C HIS A 22 -4.10 1.31 20.94
N GLU A 23 -4.24 0.25 20.16
CA GLU A 23 -3.25 -0.81 20.11
C GLU A 23 -3.20 -1.33 18.66
N HIS A 24 -2.30 -2.27 18.42
CA HIS A 24 -2.17 -2.87 17.10
C HIS A 24 -1.70 -4.28 17.23
N ILE A 25 -2.19 -5.17 16.36
CA ILE A 25 -1.64 -6.48 16.41
C ILE A 25 -0.32 -6.35 15.62
N CYS A 26 -0.40 -5.65 14.47
CA CYS A 26 0.80 -5.50 13.66
C CYS A 26 0.80 -4.15 12.93
N GLY A 27 1.90 -3.36 13.07
CA GLY A 27 2.08 -2.02 12.43
C GLY A 27 2.81 -2.25 11.13
N SER A 28 2.04 -2.24 10.03
CA SER A 28 2.65 -2.55 8.75
C SER A 28 2.17 -1.68 7.60
N SER A 29 2.03 -2.28 6.41
CA SER A 29 1.57 -1.55 5.23
C SER A 29 0.57 -2.43 4.46
N ALA A 30 -0.35 -1.80 3.72
CA ALA A 30 -1.32 -2.59 2.96
C ALA A 30 -0.57 -3.63 2.11
N GLY A 31 -1.02 -4.90 2.14
CA GLY A 31 -0.48 -6.04 1.41
C GLY A 31 0.86 -6.60 1.88
N PHE A 32 1.54 -5.89 2.74
CA PHE A 32 2.85 -6.28 3.22
C PHE A 32 2.94 -7.62 3.93
N LEU A 33 2.12 -7.82 4.96
CA LEU A 33 2.17 -9.10 5.67
C LEU A 33 1.96 -10.29 4.74
N ARG A 34 1.04 -10.14 3.76
CA ARG A 34 0.78 -11.21 2.85
C ARG A 34 1.85 -11.39 1.78
N ALA A 35 2.54 -10.31 1.42
CA ALA A 35 3.57 -10.48 0.38
C ALA A 35 4.92 -10.85 0.95
N TRP A 36 5.17 -10.46 2.21
CA TRP A 36 6.47 -10.74 2.81
C TRP A 36 6.37 -11.13 4.30
N PRO A 37 5.64 -12.21 4.57
CA PRO A 37 5.46 -12.67 5.96
C PRO A 37 6.79 -12.98 6.68
N GLU A 38 7.82 -13.40 5.93
CA GLU A 38 9.13 -13.71 6.51
C GLU A 38 9.75 -12.50 7.14
N PHE A 39 9.30 -11.30 6.80
CA PHE A 39 9.85 -10.13 7.45
C PHE A 39 9.63 -10.26 8.97
N PHE A 40 8.56 -10.97 9.33
CA PHE A 40 8.23 -11.18 10.73
C PHE A 40 8.53 -12.58 11.18
N GLY A 41 9.45 -13.22 10.47
CA GLY A 41 9.78 -14.60 10.77
C GLY A 41 8.84 -15.45 9.88
N SER A 42 7.54 -15.40 10.25
CA SER A 42 6.50 -16.07 9.49
C SER A 42 5.15 -15.56 9.98
N ARG A 43 4.09 -15.80 9.18
CA ARG A 43 2.81 -15.33 9.63
C ARG A 43 2.49 -16.10 10.91
N LYS A 44 2.82 -17.39 10.94
CA LYS A 44 2.53 -18.19 12.12
C LYS A 44 3.25 -17.70 13.37
N ALA A 45 4.52 -17.31 13.22
CA ALA A 45 5.30 -16.80 14.33
C ALA A 45 4.69 -15.50 14.87
N LEU A 46 4.24 -14.63 13.95
CA LEU A 46 3.64 -13.39 14.36
C LEU A 46 2.34 -13.70 15.12
N ALA A 47 1.51 -14.60 14.60
CA ALA A 47 0.24 -14.96 15.24
C ALA A 47 0.49 -15.54 16.68
N GLU A 48 1.49 -16.40 16.79
CA GLU A 48 1.81 -17.00 18.07
C GLU A 48 2.27 -15.96 19.04
N LYS A 49 3.09 -15.03 18.57
CA LYS A 49 3.59 -13.95 19.43
C LYS A 49 2.48 -13.10 19.95
N ALA A 50 1.55 -12.81 19.03
CA ALA A 50 0.37 -12.00 19.34
C ALA A 50 -0.52 -12.73 20.38
N VAL A 51 -0.72 -14.04 20.17
CA VAL A 51 -1.53 -14.81 21.10
C VAL A 51 -0.90 -14.80 22.50
N ARG A 52 0.42 -14.99 22.57
CA ARG A 52 1.08 -14.98 23.86
C ARG A 52 0.86 -13.64 24.52
N GLY A 53 1.11 -12.53 23.77
CA GLY A 53 0.93 -11.19 24.33
C GLY A 53 -0.50 -10.93 24.77
N LEU A 54 -1.45 -11.28 23.91
CA LEU A 54 -2.86 -11.08 24.25
C LEU A 54 -3.29 -11.92 25.50
N ARG A 55 -2.80 -13.16 25.60
CA ARG A 55 -3.10 -14.02 26.74
C ARG A 55 -2.54 -13.39 28.04
N ARG A 56 -1.34 -12.82 27.96
CA ARG A 56 -0.73 -12.20 29.12
C ARG A 56 -1.49 -10.94 29.49
N ALA A 57 -1.94 -10.17 28.49
CA ALA A 57 -2.70 -8.97 28.79
C ALA A 57 -4.05 -9.35 29.42
N ARG A 58 -4.63 -10.44 28.89
CA ARG A 58 -5.87 -10.92 29.40
C ARG A 58 -5.71 -11.37 30.89
N ALA A 59 -4.58 -12.03 31.18
CA ALA A 59 -4.30 -12.50 32.56
C ALA A 59 -4.28 -11.30 33.48
N ALA A 60 -3.77 -10.15 32.96
CA ALA A 60 -3.68 -8.89 33.70
C ALA A 60 -4.98 -8.15 33.73
N GLY A 61 -6.04 -8.75 33.15
CA GLY A 61 -7.30 -8.09 33.20
C GLY A 61 -7.80 -7.38 31.96
N VAL A 62 -7.02 -7.37 30.88
CA VAL A 62 -7.56 -6.70 29.69
C VAL A 62 -8.60 -7.59 29.02
N ARG A 63 -9.82 -7.06 28.77
CA ARG A 63 -10.87 -7.85 28.14
C ARG A 63 -11.01 -7.56 26.62
N THR A 64 -10.67 -6.33 26.21
CA THR A 64 -10.81 -5.91 24.82
C THR A 64 -9.71 -4.93 24.49
N ILE A 65 -9.30 -4.98 23.23
CA ILE A 65 -8.34 -4.01 22.72
C ILE A 65 -8.95 -3.47 21.45
N VAL A 66 -8.61 -2.23 21.13
CA VAL A 66 -9.09 -1.61 19.89
C VAL A 66 -7.85 -1.54 19.01
N ASP A 67 -7.87 -2.33 17.92
CA ASP A 67 -6.73 -2.34 17.00
C ASP A 67 -7.03 -1.23 16.01
N VAL A 68 -6.31 -0.13 16.17
CA VAL A 68 -6.47 1.05 15.34
C VAL A 68 -5.67 1.04 14.03
N SER A 69 -5.34 -0.14 13.54
CA SER A 69 -4.65 -0.30 12.27
C SER A 69 -5.69 -0.12 11.15
N THR A 70 -5.43 0.84 10.26
CA THR A 70 -6.28 1.13 9.13
C THR A 70 -5.75 0.31 7.97
N PHE A 71 -6.41 0.49 6.82
CA PHE A 71 -5.97 -0.15 5.56
C PHE A 71 -4.44 0.09 5.34
N ASP A 72 -4.01 1.33 5.45
CA ASP A 72 -2.62 1.72 5.22
C ASP A 72 -1.60 1.35 6.30
N ILE A 73 -2.10 0.87 7.45
CA ILE A 73 -1.26 0.36 8.51
C ILE A 73 -1.12 -1.15 8.22
N GLY A 74 -1.74 -1.61 7.10
CA GLY A 74 -1.63 -3.02 6.76
C GLY A 74 -2.49 -3.96 7.61
N ARG A 75 -3.57 -3.40 8.18
CA ARG A 75 -4.50 -4.17 8.98
C ARG A 75 -4.88 -5.46 8.22
N ASP A 76 -4.78 -6.61 8.87
CA ASP A 76 -5.13 -7.90 8.27
C ASP A 76 -6.21 -8.45 9.21
N VAL A 77 -7.49 -8.14 8.91
CA VAL A 77 -8.58 -8.58 9.78
C VAL A 77 -8.64 -10.08 10.02
N SER A 78 -8.24 -10.89 9.03
CA SER A 78 -8.26 -12.31 9.27
C SER A 78 -7.31 -12.67 10.43
N LEU A 79 -6.12 -12.00 10.44
CA LEU A 79 -5.15 -12.23 11.52
C LEU A 79 -5.78 -11.79 12.85
N LEU A 80 -6.43 -10.63 12.86
CA LEU A 80 -7.08 -10.12 14.07
C LEU A 80 -8.10 -11.17 14.57
N ALA A 81 -8.96 -11.67 13.65
CA ALA A 81 -9.94 -12.66 14.07
C ALA A 81 -9.31 -13.92 14.62
N GLU A 82 -8.26 -14.40 13.97
CA GLU A 82 -7.57 -15.58 14.40
C GLU A 82 -6.96 -15.45 15.82
N VAL A 83 -6.24 -14.36 16.07
CA VAL A 83 -5.65 -14.19 17.40
C VAL A 83 -6.70 -13.86 18.44
N SER A 84 -7.77 -13.18 18.05
CA SER A 84 -8.82 -12.87 18.98
C SER A 84 -9.43 -14.17 19.53
N ARG A 85 -9.75 -15.07 18.60
CA ARG A 85 -10.33 -16.37 18.95
C ARG A 85 -9.33 -17.19 19.76
N ALA A 86 -8.06 -17.27 19.33
CA ALA A 86 -7.08 -18.07 20.05
C ALA A 86 -6.77 -17.56 21.46
N ALA A 87 -6.69 -16.26 21.65
CA ALA A 87 -6.40 -15.70 22.98
C ALA A 87 -7.64 -15.38 23.83
N ASP A 88 -8.81 -15.38 23.18
CA ASP A 88 -10.08 -15.06 23.83
C ASP A 88 -10.06 -13.64 24.39
N VAL A 89 -9.72 -12.68 23.50
CA VAL A 89 -9.69 -11.29 23.83
C VAL A 89 -10.52 -10.58 22.76
N HIS A 90 -11.45 -9.72 23.15
CA HIS A 90 -12.21 -9.04 22.12
C HIS A 90 -11.30 -8.04 21.38
N ILE A 91 -11.47 -7.92 20.06
CA ILE A 91 -10.68 -6.95 19.30
C ILE A 91 -11.62 -6.16 18.42
N VAL A 92 -11.57 -4.83 18.56
CA VAL A 92 -12.37 -3.94 17.72
C VAL A 92 -11.48 -3.51 16.56
N ALA A 93 -11.97 -3.69 15.30
CA ALA A 93 -11.22 -3.32 14.11
C ALA A 93 -11.55 -1.90 13.71
N ALA A 94 -10.65 -1.30 12.89
CA ALA A 94 -10.84 0.07 12.45
C ALA A 94 -10.87 0.19 10.95
N THR A 95 -11.43 1.33 10.55
CA THR A 95 -11.45 1.79 9.17
C THR A 95 -10.71 3.15 9.24
N GLY A 96 -10.73 3.93 8.16
CA GLY A 96 -10.05 5.23 8.19
C GLY A 96 -8.75 5.13 7.40
N LEU A 97 -7.92 6.16 7.51
CA LEU A 97 -6.62 6.15 6.82
C LEU A 97 -5.60 6.85 7.70
N TRP A 98 -4.43 6.27 7.76
CA TRP A 98 -3.31 6.80 8.50
C TRP A 98 -2.49 7.70 7.59
N PHE A 99 -1.22 7.89 7.86
CA PHE A 99 -0.50 8.80 7.02
C PHE A 99 0.35 8.20 5.93
N ASP A 100 0.02 6.99 5.53
CA ASP A 100 0.76 6.36 4.46
C ASP A 100 -0.18 5.84 3.37
N PRO A 101 -1.19 6.61 2.97
CA PRO A 101 -2.08 6.14 1.91
C PRO A 101 -1.39 6.03 0.55
N PRO A 102 -1.70 4.99 -0.23
CA PRO A 102 -1.11 4.84 -1.57
C PRO A 102 -1.88 5.76 -2.53
N LEU A 103 -1.39 5.87 -3.76
CA LEU A 103 -2.06 6.73 -4.73
C LEU A 103 -3.56 6.44 -4.93
N SER A 104 -3.95 5.17 -4.91
CA SER A 104 -5.35 4.79 -5.13
C SER A 104 -6.27 5.40 -4.08
N MET A 105 -5.69 5.71 -2.92
CA MET A 105 -6.45 6.38 -1.87
C MET A 105 -6.27 7.90 -1.94
N ARG A 106 -5.01 8.37 -2.08
CA ARG A 106 -4.69 9.78 -2.12
C ARG A 106 -5.38 10.59 -3.20
N LEU A 107 -5.78 9.94 -4.26
CA LEU A 107 -6.42 10.69 -5.32
C LEU A 107 -7.93 10.73 -5.20
N ARG A 108 -8.49 10.13 -4.16
CA ARG A 108 -9.94 10.10 -4.00
C ARG A 108 -10.52 11.37 -3.41
N SER A 109 -11.81 11.61 -3.70
CA SER A 109 -12.51 12.79 -3.16
C SER A 109 -13.10 12.47 -1.79
N VAL A 110 -13.57 13.50 -1.11
CA VAL A 110 -14.18 13.27 0.20
C VAL A 110 -15.39 12.32 0.08
N GLU A 111 -16.12 12.44 -1.03
CA GLU A 111 -17.26 11.60 -1.24
C GLU A 111 -16.87 10.12 -1.40
N GLU A 112 -15.85 9.86 -2.24
CA GLU A 112 -15.42 8.49 -2.42
C GLU A 112 -14.88 7.93 -1.10
N LEU A 113 -14.02 8.68 -0.43
CA LEU A 113 -13.48 8.16 0.84
C LEU A 113 -14.62 7.82 1.82
N THR A 114 -15.67 8.67 1.83
CA THR A 114 -16.78 8.44 2.74
C THR A 114 -17.38 7.08 2.45
N GLN A 115 -17.54 6.80 1.16
CA GLN A 115 -18.12 5.49 0.80
C GLN A 115 -17.21 4.35 1.27
N PHE A 116 -15.90 4.55 1.15
CA PHE A 116 -15.01 3.49 1.58
C PHE A 116 -15.10 3.23 3.08
N PHE A 117 -15.11 4.30 3.87
CA PHE A 117 -15.20 4.11 5.32
C PHE A 117 -16.54 3.44 5.68
N LEU A 118 -17.60 3.89 4.99
CA LEU A 118 -18.93 3.32 5.27
C LEU A 118 -18.96 1.82 4.95
N ARG A 119 -18.25 1.46 3.84
CA ARG A 119 -18.20 0.06 3.45
C ARG A 119 -17.65 -0.84 4.60
N GLU A 120 -16.51 -0.41 5.13
CA GLU A 120 -15.84 -1.15 6.20
C GLU A 120 -16.62 -1.21 7.52
N ILE A 121 -17.40 -0.16 7.81
CA ILE A 121 -18.19 -0.14 9.03
C ILE A 121 -19.50 -0.88 8.90
N GLN A 122 -20.18 -0.64 7.77
CA GLN A 122 -21.51 -1.22 7.55
C GLN A 122 -21.57 -2.59 6.92
N TYR A 123 -20.74 -2.82 5.93
CA TYR A 123 -20.80 -4.12 5.27
C TYR A 123 -19.75 -5.11 5.70
N GLY A 124 -18.54 -4.61 5.86
CA GLY A 124 -17.45 -5.46 6.30
C GLY A 124 -16.15 -5.14 5.59
N ILE A 125 -15.05 -5.48 6.23
CA ILE A 125 -13.74 -5.26 5.67
C ILE A 125 -13.43 -6.38 4.67
N GLU A 126 -12.97 -5.98 3.47
CA GLU A 126 -12.67 -6.95 2.43
C GLU A 126 -13.89 -7.84 2.21
N ASP A 127 -13.72 -9.14 2.06
CA ASP A 127 -14.85 -10.02 1.85
C ASP A 127 -15.15 -10.84 3.12
N THR A 128 -14.79 -10.33 4.29
CA THR A 128 -14.98 -11.06 5.54
C THR A 128 -16.24 -10.81 6.32
N GLY A 129 -16.94 -9.72 6.05
CA GLY A 129 -18.10 -9.50 6.88
C GLY A 129 -17.69 -8.92 8.24
N ILE A 130 -16.37 -8.74 8.51
CA ILE A 130 -15.93 -8.17 9.79
C ILE A 130 -16.09 -6.66 9.72
N ARG A 131 -17.00 -6.09 10.52
CA ARG A 131 -17.29 -4.68 10.54
C ARG A 131 -16.43 -3.86 11.49
N ALA A 132 -15.89 -2.72 11.00
CA ALA A 132 -15.06 -1.87 11.84
C ALA A 132 -15.92 -1.20 12.93
N GLY A 133 -15.31 -1.03 14.13
CA GLY A 133 -16.03 -0.37 15.22
C GLY A 133 -15.49 1.02 15.59
N ILE A 134 -14.54 1.54 14.78
CA ILE A 134 -13.93 2.87 15.01
C ILE A 134 -13.32 3.32 13.68
N ILE A 135 -13.16 4.64 13.55
CA ILE A 135 -12.55 5.26 12.38
C ILE A 135 -11.22 5.89 12.83
N LYS A 136 -10.10 5.49 12.23
CA LYS A 136 -8.80 6.04 12.59
C LYS A 136 -8.34 7.05 11.53
N VAL A 137 -7.85 8.22 11.97
CA VAL A 137 -7.33 9.27 11.06
C VAL A 137 -6.00 9.76 11.62
N ALA A 138 -5.27 10.55 10.83
CA ALA A 138 -3.97 11.04 11.32
C ALA A 138 -3.46 12.26 10.56
N THR A 139 -2.64 13.00 11.30
CA THR A 139 -1.91 14.19 10.84
C THR A 139 -0.58 14.10 11.56
N THR A 140 0.44 14.77 11.05
CA THR A 140 1.79 14.81 11.66
C THR A 140 2.19 16.27 11.41
N GLY A 141 1.51 17.14 12.16
CA GLY A 141 1.67 18.58 12.03
C GLY A 141 0.47 19.11 11.21
N LYS A 142 0.61 20.25 10.54
CA LYS A 142 -0.52 20.77 9.77
C LYS A 142 -1.05 19.71 8.79
N ALA A 143 -2.35 19.58 8.71
CA ALA A 143 -2.84 18.56 7.79
C ALA A 143 -2.54 18.90 6.35
N THR A 144 -2.30 17.85 5.55
CA THR A 144 -2.08 18.04 4.13
C THR A 144 -3.48 18.15 3.54
N PRO A 145 -3.56 18.57 2.30
CA PRO A 145 -4.82 18.69 1.65
C PRO A 145 -5.60 17.38 1.68
N PHE A 146 -4.85 16.30 1.42
CA PHE A 146 -5.46 14.97 1.44
C PHE A 146 -5.99 14.63 2.84
N GLN A 147 -5.17 14.93 3.85
CA GLN A 147 -5.59 14.66 5.22
C GLN A 147 -6.87 15.41 5.59
N GLU A 148 -7.04 16.66 5.11
CA GLU A 148 -8.25 17.35 5.44
C GLU A 148 -9.45 16.57 4.90
N LEU A 149 -9.30 16.01 3.69
CA LEU A 149 -10.39 15.25 3.10
C LEU A 149 -10.70 14.02 3.95
N VAL A 150 -9.65 13.34 4.41
CA VAL A 150 -9.81 12.15 5.25
C VAL A 150 -10.58 12.51 6.52
N LEU A 151 -10.17 13.59 7.18
CA LEU A 151 -10.85 13.96 8.40
C LEU A 151 -12.33 14.26 8.17
N LYS A 152 -12.61 14.94 7.02
CA LYS A 152 -13.98 15.26 6.69
C LYS A 152 -14.79 13.97 6.43
N ALA A 153 -14.21 13.02 5.69
CA ALA A 153 -14.92 11.78 5.42
C ALA A 153 -15.12 10.98 6.69
N ALA A 154 -14.14 11.03 7.58
CA ALA A 154 -14.23 10.31 8.85
C ALA A 154 -15.42 10.88 9.62
N ALA A 155 -15.53 12.23 9.62
CA ALA A 155 -16.65 12.88 10.27
C ALA A 155 -17.99 12.44 9.69
N ARG A 156 -18.07 12.40 8.35
CA ARG A 156 -19.33 12.00 7.69
C ARG A 156 -19.67 10.55 8.02
N ALA A 157 -18.67 9.67 8.02
CA ALA A 157 -18.94 8.27 8.31
C ALA A 157 -19.40 8.11 9.75
N SER A 158 -18.76 8.86 10.64
CA SER A 158 -19.13 8.81 12.05
C SER A 158 -20.55 9.31 12.24
N LEU A 159 -20.88 10.42 11.60
CA LEU A 159 -22.23 10.93 11.74
C LEU A 159 -23.28 9.95 11.22
N ALA A 160 -22.94 9.21 10.17
CA ALA A 160 -23.95 8.29 9.62
C ALA A 160 -24.10 6.99 10.38
N THR A 161 -23.02 6.55 11.03
CA THR A 161 -23.01 5.26 11.73
C THR A 161 -22.97 5.30 13.25
N GLY A 162 -22.50 6.42 13.82
CA GLY A 162 -22.42 6.53 15.25
C GLY A 162 -21.11 6.03 15.83
N VAL A 163 -20.27 5.39 14.98
CA VAL A 163 -18.97 4.85 15.40
C VAL A 163 -18.01 6.03 15.64
N PRO A 164 -17.19 5.94 16.66
CA PRO A 164 -16.30 7.06 16.97
C PRO A 164 -15.09 7.17 16.08
N VAL A 165 -14.43 8.34 16.23
CA VAL A 165 -13.24 8.63 15.49
C VAL A 165 -12.06 8.78 16.49
N THR A 166 -10.89 8.27 16.10
CA THR A 166 -9.71 8.33 16.94
C THR A 166 -8.57 8.81 16.06
N THR A 167 -7.64 9.60 16.65
CA THR A 167 -6.57 10.13 15.81
C THR A 167 -5.15 9.94 16.31
N HIS A 168 -4.27 10.06 15.34
CA HIS A 168 -2.82 10.07 15.52
C HIS A 168 -2.54 11.59 15.40
N THR A 169 -1.69 12.13 16.27
CA THR A 169 -1.32 13.55 16.24
C THR A 169 0.17 13.66 16.51
N ALA A 170 0.67 14.88 16.27
CA ALA A 170 2.03 15.36 16.55
C ALA A 170 1.56 16.26 17.68
N ALA A 171 1.45 15.67 18.89
CA ALA A 171 0.94 16.43 20.00
C ALA A 171 1.70 17.73 20.25
N SER A 172 3.00 17.65 20.01
CA SER A 172 3.87 18.78 20.17
C SER A 172 3.34 19.96 19.35
N GLN A 173 2.92 19.63 18.14
CA GLN A 173 2.40 20.64 17.22
C GLN A 173 0.95 21.02 17.44
N ARG A 174 0.34 20.43 18.45
CA ARG A 174 -1.03 20.80 18.71
C ARG A 174 -2.02 20.44 17.60
N ASP A 175 -1.69 19.34 16.89
CA ASP A 175 -2.51 18.83 15.78
C ASP A 175 -3.98 18.78 16.13
N GLY A 176 -4.23 18.42 17.39
CA GLY A 176 -5.58 18.26 17.91
C GLY A 176 -6.49 19.44 17.67
N GLU A 177 -5.89 20.63 17.68
CA GLU A 177 -6.74 21.78 17.44
C GLU A 177 -7.27 21.85 16.01
N GLN A 178 -6.35 21.60 15.08
CA GLN A 178 -6.78 21.65 13.69
C GLN A 178 -7.77 20.49 13.40
N GLN A 179 -7.50 19.34 14.03
CA GLN A 179 -8.38 18.19 13.81
C GLN A 179 -9.80 18.52 14.30
N ALA A 180 -9.91 19.10 15.51
CA ALA A 180 -11.18 19.48 16.09
C ALA A 180 -11.94 20.44 15.20
N ALA A 181 -11.16 21.39 14.63
CA ALA A 181 -11.74 22.39 13.75
C ALA A 181 -12.39 21.75 12.52
N ILE A 182 -11.64 20.86 11.89
CA ILE A 182 -12.14 20.18 10.69
C ILE A 182 -13.36 19.33 11.08
N PHE A 183 -13.23 18.58 12.18
CA PHE A 183 -14.38 17.78 12.59
C PHE A 183 -15.64 18.60 12.88
N GLU A 184 -15.46 19.68 13.61
CA GLU A 184 -16.61 20.52 13.95
C GLU A 184 -17.21 21.17 12.71
N SER A 185 -16.38 21.44 11.70
CA SER A 185 -16.85 22.05 10.45
C SER A 185 -17.79 21.08 9.76
N GLU A 186 -17.69 19.81 10.13
CA GLU A 186 -18.57 18.82 9.54
C GLU A 186 -19.75 18.53 10.48
N GLY A 187 -19.80 19.18 11.63
CA GLY A 187 -20.90 18.94 12.56
C GLY A 187 -20.73 17.77 13.49
N LEU A 188 -19.53 17.21 13.57
CA LEU A 188 -19.29 16.07 14.46
C LEU A 188 -19.20 16.47 15.93
N SER A 189 -19.80 15.70 16.80
CA SER A 189 -19.71 16.04 18.21
C SER A 189 -18.35 15.65 18.75
N PRO A 190 -17.72 16.53 19.56
CA PRO A 190 -16.41 16.24 20.14
C PRO A 190 -16.37 14.96 20.96
N SER A 191 -17.52 14.63 21.52
CA SER A 191 -17.68 13.42 22.34
C SER A 191 -17.50 12.14 21.51
N ARG A 192 -17.55 12.26 20.19
CA ARG A 192 -17.34 11.10 19.34
C ARG A 192 -15.88 10.99 18.91
N VAL A 193 -15.03 11.93 19.43
CA VAL A 193 -13.64 11.96 19.04
C VAL A 193 -12.59 11.87 20.12
N CYS A 194 -11.59 11.01 19.85
CA CYS A 194 -10.45 10.84 20.73
C CYS A 194 -9.22 11.38 20.02
N ILE A 195 -8.55 12.36 20.61
CA ILE A 195 -7.31 12.97 20.07
C ILE A 195 -6.18 12.16 20.67
N GLY A 196 -5.56 11.32 19.84
CA GLY A 196 -4.51 10.38 20.23
C GLY A 196 -3.11 10.89 20.34
N HIS A 197 -2.30 10.07 21.02
CA HIS A 197 -0.88 10.30 21.32
C HIS A 197 -0.69 11.60 22.10
N SER A 198 -1.74 11.96 22.82
CA SER A 198 -1.78 13.19 23.57
C SER A 198 -0.73 13.27 24.67
N ASP A 199 -0.27 12.12 25.16
CA ASP A 199 0.74 12.14 26.22
C ASP A 199 2.14 12.46 25.68
N ASP A 200 2.23 12.66 24.35
CA ASP A 200 3.48 12.97 23.68
C ASP A 200 3.91 14.40 23.95
N THR A 201 3.05 15.16 24.62
CA THR A 201 3.34 16.53 24.99
C THR A 201 3.06 16.79 26.47
N ASP A 202 3.82 17.74 27.04
CA ASP A 202 3.64 18.14 28.41
C ASP A 202 2.73 19.37 28.49
N ASP A 203 2.29 19.90 27.33
CA ASP A 203 1.40 21.06 27.35
C ASP A 203 0.08 20.74 27.89
N LEU A 204 0.01 20.93 29.14
CA LEU A 204 -1.23 20.68 29.73
C LEU A 204 -2.33 21.67 29.26
N SER A 205 -1.95 22.89 28.86
CA SER A 205 -2.94 23.89 28.40
C SER A 205 -3.69 23.40 27.19
N TYR A 206 -2.91 22.82 26.28
CA TYR A 206 -3.44 22.24 25.04
C TYR A 206 -4.47 21.13 25.35
N LEU A 207 -4.05 20.17 26.18
CA LEU A 207 -4.90 19.01 26.55
C LEU A 207 -6.17 19.42 27.17
N THR A 208 -6.00 20.28 28.16
CA THR A 208 -7.14 20.77 28.90
C THR A 208 -8.19 21.57 28.11
N ALA A 209 -7.70 22.36 27.17
CA ALA A 209 -8.57 23.16 26.34
C ALA A 209 -9.41 22.25 25.43
N LEU A 210 -8.79 21.18 24.94
CA LEU A 210 -9.49 20.22 24.08
C LEU A 210 -10.51 19.50 24.95
N ALA A 211 -10.06 19.07 26.15
CA ALA A 211 -10.96 18.38 27.05
C ALA A 211 -12.17 19.22 27.38
N ALA A 212 -11.87 20.51 27.53
CA ALA A 212 -12.91 21.48 27.85
C ALA A 212 -13.98 21.52 26.76
N ARG A 213 -13.57 21.27 25.52
CA ARG A 213 -14.51 21.28 24.40
C ARG A 213 -15.34 19.99 24.25
N GLY A 214 -15.00 18.95 25.00
CA GLY A 214 -15.75 17.71 24.89
C GLY A 214 -14.99 16.57 24.27
N TYR A 215 -13.78 16.85 23.81
CA TYR A 215 -12.98 15.82 23.20
C TYR A 215 -12.45 14.80 24.20
N LEU A 216 -12.20 13.61 23.70
CA LEU A 216 -11.62 12.55 24.50
C LEU A 216 -10.15 12.70 24.26
N ILE A 217 -9.35 12.54 25.31
CA ILE A 217 -7.89 12.68 25.21
C ILE A 217 -7.23 11.33 25.28
N GLY A 218 -6.55 10.94 24.21
CA GLY A 218 -5.91 9.63 24.25
C GLY A 218 -4.48 9.65 24.79
N LEU A 219 -4.30 9.14 26.00
CA LEU A 219 -2.99 9.08 26.61
C LEU A 219 -2.58 7.64 26.38
N ASP A 220 -2.12 7.40 25.16
CA ASP A 220 -1.80 6.07 24.70
C ASP A 220 -0.35 5.71 24.39
N HIS A 221 0.58 6.59 24.79
CA HIS A 221 1.99 6.29 24.56
C HIS A 221 2.75 6.10 25.88
N ILE A 222 2.01 5.79 26.96
CA ILE A 222 2.64 5.65 28.27
C ILE A 222 3.96 4.93 28.33
N PRO A 223 4.09 3.74 27.81
CA PRO A 223 5.36 3.04 27.92
C PRO A 223 6.44 3.45 26.91
N HIS A 224 6.11 4.38 26.02
CA HIS A 224 7.06 4.81 24.99
C HIS A 224 8.15 5.73 25.55
N SER A 225 9.37 5.19 25.54
CA SER A 225 10.54 5.93 26.03
C SER A 225 11.84 5.35 25.55
N ALA A 226 12.74 6.28 25.17
CA ALA A 226 14.04 5.88 24.69
C ALA A 226 15.10 6.18 25.75
N ILE A 227 14.63 6.41 26.94
CA ILE A 227 15.60 6.68 27.98
C ILE A 227 16.46 5.46 28.15
N GLY A 228 17.77 5.65 28.16
CA GLY A 228 18.64 4.51 28.30
C GLY A 228 19.13 4.07 26.95
N LEU A 229 18.55 4.67 25.93
CA LEU A 229 18.89 4.37 24.56
C LEU A 229 19.19 5.64 23.78
N GLU A 230 19.48 6.71 24.49
CA GLU A 230 19.79 7.99 23.88
C GLU A 230 20.74 7.87 22.69
N ASP A 231 21.49 6.76 22.66
CA ASP A 231 22.44 6.46 21.60
C ASP A 231 21.80 5.83 20.34
N ASN A 232 20.53 5.50 20.41
CA ASN A 232 19.87 4.92 19.27
C ASN A 232 18.99 6.00 18.71
N ALA A 233 19.50 6.60 17.65
CA ALA A 233 18.81 7.68 17.01
C ALA A 233 17.37 7.38 16.55
N SER A 234 17.16 6.27 15.82
CA SER A 234 15.81 5.96 15.33
C SER A 234 14.84 5.74 16.46
N ALA A 235 15.32 5.07 17.50
CA ALA A 235 14.47 4.81 18.64
C ALA A 235 14.15 6.08 19.42
N SER A 236 15.16 6.96 19.59
CA SER A 236 14.92 8.20 20.34
C SER A 236 13.92 9.05 19.60
N ALA A 237 14.08 9.06 18.27
CA ALA A 237 13.19 9.81 17.42
C ALA A 237 11.75 9.33 17.57
N LEU A 238 11.58 8.01 17.58
CA LEU A 238 10.23 7.49 17.68
C LEU A 238 9.62 7.53 19.07
N LEU A 239 10.40 7.09 20.04
CA LEU A 239 9.95 6.98 21.43
C LEU A 239 10.03 8.15 22.36
N GLY A 240 10.96 9.08 22.11
CA GLY A 240 11.03 10.22 23.03
C GLY A 240 12.00 9.95 24.18
N ILE A 241 12.26 11.02 24.94
CA ILE A 241 13.19 10.98 26.07
C ILE A 241 12.48 11.26 27.35
N ARG A 242 11.17 11.26 27.30
CA ARG A 242 10.39 11.46 28.51
C ARG A 242 10.08 10.10 29.13
N SER A 243 10.03 10.03 30.46
CA SER A 243 9.74 8.74 31.13
C SER A 243 8.24 8.33 31.11
N TRP A 244 7.99 7.05 31.41
CA TRP A 244 6.61 6.58 31.44
C TRP A 244 5.88 7.25 32.58
N GLN A 245 6.64 7.58 33.66
CA GLN A 245 6.01 8.23 34.80
C GLN A 245 5.55 9.65 34.46
N THR A 246 6.41 10.33 33.69
CA THR A 246 6.10 11.68 33.25
C THR A 246 4.80 11.64 32.41
N ARG A 247 4.77 10.68 31.48
CA ARG A 247 3.59 10.55 30.64
C ARG A 247 2.38 10.15 31.50
N ALA A 248 2.59 9.14 32.38
CA ALA A 248 1.47 8.71 33.22
C ALA A 248 0.91 9.83 34.08
N LEU A 249 1.80 10.72 34.51
CA LEU A 249 1.37 11.84 35.34
C LEU A 249 0.38 12.73 34.66
N LEU A 250 0.35 12.70 33.31
CA LEU A 250 -0.63 13.49 32.57
C LEU A 250 -2.05 13.04 32.88
N ILE A 251 -2.22 11.72 33.11
CA ILE A 251 -3.52 11.18 33.43
C ILE A 251 -4.01 11.80 34.73
N LYS A 252 -3.13 11.79 35.75
CA LYS A 252 -3.55 12.40 37.02
C LYS A 252 -3.88 13.91 36.87
N ALA A 253 -3.05 14.60 36.09
CA ALA A 253 -3.23 16.03 35.85
C ALA A 253 -4.62 16.31 35.30
N LEU A 254 -4.95 15.57 34.26
CA LEU A 254 -6.27 15.71 33.64
C LEU A 254 -7.37 15.38 34.62
N ILE A 255 -7.10 14.34 35.42
CA ILE A 255 -8.08 13.98 36.41
C ILE A 255 -8.24 15.17 37.38
N ASP A 256 -7.09 15.67 37.85
CA ASP A 256 -7.08 16.81 38.77
C ASP A 256 -7.80 18.03 38.19
N GLN A 257 -7.69 18.23 36.89
CA GLN A 257 -8.37 19.35 36.26
C GLN A 257 -9.86 19.13 36.07
N GLY A 258 -10.33 17.94 36.47
CA GLY A 258 -11.73 17.63 36.35
C GLY A 258 -12.15 16.86 35.09
N TYR A 259 -11.19 16.32 34.34
CA TYR A 259 -11.62 15.64 33.14
C TYR A 259 -11.52 14.14 33.15
N MET A 260 -11.79 13.53 34.30
CA MET A 260 -11.68 12.07 34.34
C MET A 260 -12.55 11.32 33.33
N LYS A 261 -13.73 11.87 33.00
CA LYS A 261 -14.63 11.23 32.07
C LYS A 261 -14.18 11.33 30.62
N GLN A 262 -13.14 12.09 30.35
CA GLN A 262 -12.66 12.24 28.96
C GLN A 262 -11.32 11.64 28.73
N ILE A 263 -10.85 10.81 29.66
CA ILE A 263 -9.55 10.24 29.45
C ILE A 263 -9.63 8.81 28.95
N LEU A 264 -8.76 8.46 27.98
CA LEU A 264 -8.63 7.09 27.43
C LEU A 264 -7.15 6.78 27.49
N VAL A 265 -6.79 5.63 28.06
CA VAL A 265 -5.41 5.23 28.23
C VAL A 265 -5.07 3.97 27.46
N SER A 266 -3.90 3.91 26.88
CA SER A 266 -3.46 2.74 26.11
C SER A 266 -1.95 2.70 26.01
N ASN A 267 -1.43 1.71 25.30
CA ASN A 267 0.00 1.56 25.13
C ASN A 267 0.52 1.79 23.69
N ASP A 268 -0.36 1.75 22.72
CA ASP A 268 0.04 1.84 21.35
C ASP A 268 1.11 0.78 21.11
N TRP A 269 0.90 -0.44 21.60
CA TRP A 269 1.83 -1.55 21.40
C TRP A 269 1.49 -2.34 20.12
N LEU A 270 2.36 -3.28 19.78
CA LEU A 270 2.21 -4.13 18.59
C LEU A 270 3.08 -5.36 18.74
N PHE A 271 2.85 -6.39 17.91
CA PHE A 271 3.62 -7.60 17.96
C PHE A 271 4.56 -7.68 16.80
N GLY A 272 4.25 -6.89 15.78
CA GLY A 272 5.05 -6.81 14.56
C GLY A 272 5.08 -5.35 14.17
N PHE A 273 6.20 -4.88 13.57
CA PHE A 273 6.30 -3.47 13.19
C PHE A 273 7.25 -3.35 12.00
N SER A 274 6.67 -3.20 10.79
CA SER A 274 7.50 -3.12 9.58
C SER A 274 7.59 -1.74 8.95
N SER A 275 6.76 -0.82 9.39
CA SER A 275 6.76 0.51 8.80
C SER A 275 7.81 1.49 9.34
N TYR A 276 8.84 0.95 10.01
CA TYR A 276 9.90 1.78 10.56
C TYR A 276 11.23 1.06 10.34
N VAL A 277 12.31 1.38 11.07
CA VAL A 277 13.58 0.68 10.85
C VAL A 277 13.49 -0.81 11.23
N THR A 278 14.30 -1.66 10.62
CA THR A 278 14.26 -3.05 10.94
C THR A 278 14.63 -3.20 12.42
N ASN A 279 14.06 -4.12 13.13
CA ASN A 279 14.53 -4.19 14.52
C ASN A 279 13.92 -3.29 15.58
N ILE A 280 13.10 -2.33 15.18
CA ILE A 280 12.46 -1.47 16.14
C ILE A 280 11.63 -2.33 17.06
N MET A 281 11.02 -3.42 16.56
CA MET A 281 10.20 -4.27 17.44
C MET A 281 11.01 -4.82 18.61
N ASP A 282 12.19 -5.31 18.31
CA ASP A 282 13.02 -5.85 19.38
C ASP A 282 13.39 -4.79 20.39
N VAL A 283 13.78 -3.61 19.86
CA VAL A 283 14.15 -2.50 20.70
C VAL A 283 12.99 -2.18 21.63
N MET A 284 11.79 -2.05 21.07
CA MET A 284 10.63 -1.74 21.87
C MET A 284 10.30 -2.83 22.91
N ASP A 285 10.38 -4.08 22.51
CA ASP A 285 10.09 -5.14 23.45
C ASP A 285 11.06 -5.14 24.62
N ARG A 286 12.32 -4.67 24.43
CA ARG A 286 13.30 -4.61 25.51
C ARG A 286 12.94 -3.43 26.38
N VAL A 287 12.49 -2.36 25.76
CA VAL A 287 12.11 -1.24 26.57
C VAL A 287 10.90 -1.56 27.47
N ASN A 288 9.91 -2.26 26.90
CA ASN A 288 8.69 -2.58 27.64
C ASN A 288 8.29 -4.02 27.47
N PRO A 289 8.91 -4.89 28.23
CA PRO A 289 8.62 -6.30 28.15
C PRO A 289 7.18 -6.67 28.47
N ASP A 290 6.50 -5.85 29.24
CA ASP A 290 5.12 -6.07 29.62
C ASP A 290 4.18 -5.86 28.43
N GLY A 291 4.64 -5.13 27.42
CA GLY A 291 3.82 -4.89 26.25
C GLY A 291 2.49 -4.28 26.61
N MET A 292 1.43 -4.86 26.03
CA MET A 292 0.09 -4.36 26.28
C MET A 292 -0.35 -4.44 27.76
N ALA A 293 0.27 -5.32 28.53
CA ALA A 293 -0.09 -5.44 29.93
C ALA A 293 0.50 -4.31 30.76
N PHE A 294 1.34 -3.45 30.14
CA PHE A 294 1.95 -2.35 30.89
C PHE A 294 0.93 -1.48 31.60
N ILE A 295 -0.16 -1.15 30.94
CA ILE A 295 -1.18 -0.33 31.56
C ILE A 295 -1.71 -0.91 32.88
N PRO A 296 -2.26 -2.13 32.84
CA PRO A 296 -2.80 -2.66 34.11
C PRO A 296 -1.73 -3.06 35.11
N LEU A 297 -0.60 -3.49 34.62
CA LEU A 297 0.44 -3.95 35.54
C LEU A 297 1.23 -2.86 36.19
N ARG A 298 1.49 -1.78 35.43
CA ARG A 298 2.30 -0.68 35.96
C ARG A 298 1.63 0.65 36.14
N VAL A 299 0.91 1.05 35.09
CA VAL A 299 0.28 2.35 35.11
C VAL A 299 -0.83 2.55 36.13
N ILE A 300 -1.77 1.58 36.15
CA ILE A 300 -2.88 1.67 37.09
C ILE A 300 -2.38 1.72 38.55
N PRO A 301 -1.45 0.84 38.92
CA PRO A 301 -0.93 0.86 40.28
C PRO A 301 -0.20 2.15 40.62
N PHE A 302 0.49 2.71 39.64
CA PHE A 302 1.23 3.94 39.81
C PHE A 302 0.29 5.08 40.12
N LEU A 303 -0.78 5.15 39.37
CA LEU A 303 -1.75 6.20 39.59
C LEU A 303 -2.43 6.04 40.94
N ARG A 304 -2.71 4.81 41.30
CA ARG A 304 -3.36 4.59 42.59
C ARG A 304 -2.42 5.08 43.70
N GLU A 305 -1.12 4.75 43.56
CA GLU A 305 -0.13 5.15 44.55
C GLU A 305 -0.03 6.66 44.67
N LYS A 306 -0.35 7.37 43.58
CA LYS A 306 -0.34 8.83 43.53
C LYS A 306 -1.65 9.39 44.03
N GLY A 307 -2.53 8.56 44.56
CA GLY A 307 -3.79 9.03 45.07
C GLY A 307 -5.02 8.92 44.19
N VAL A 308 -4.89 8.39 42.99
CA VAL A 308 -6.09 8.28 42.18
C VAL A 308 -6.94 7.15 42.76
N PRO A 309 -8.17 7.44 43.07
CA PRO A 309 -9.03 6.42 43.64
C PRO A 309 -9.49 5.31 42.71
N GLN A 310 -9.78 4.20 43.34
CA GLN A 310 -10.25 2.98 42.70
C GLN A 310 -11.33 3.22 41.64
N GLU A 311 -12.39 3.94 42.03
CA GLU A 311 -13.48 4.18 41.13
C GLU A 311 -13.15 5.03 39.96
N THR A 312 -12.14 5.91 40.10
CA THR A 312 -11.77 6.75 38.99
C THR A 312 -10.99 5.90 38.03
N LEU A 313 -10.14 5.02 38.57
CA LEU A 313 -9.34 4.12 37.76
C LEU A 313 -10.22 3.18 36.93
N ALA A 314 -11.27 2.66 37.59
CA ALA A 314 -12.22 1.78 36.96
C ALA A 314 -13.01 2.55 35.91
N GLY A 315 -13.40 3.80 36.24
CA GLY A 315 -14.14 4.66 35.31
C GLY A 315 -13.37 4.89 34.03
N ILE A 316 -12.09 5.18 34.17
CA ILE A 316 -11.25 5.43 33.02
C ILE A 316 -11.02 4.23 32.11
N THR A 317 -10.77 3.06 32.72
CA THR A 317 -10.48 1.84 31.97
C THR A 317 -11.68 1.03 31.52
N VAL A 318 -12.83 1.25 32.11
CA VAL A 318 -14.01 0.50 31.73
C VAL A 318 -15.12 1.41 31.22
N THR A 319 -15.47 2.38 32.04
CA THR A 319 -16.57 3.24 31.64
C THR A 319 -16.37 4.11 30.42
N ASN A 320 -15.26 4.85 30.45
CA ASN A 320 -14.95 5.74 29.34
C ASN A 320 -14.92 4.99 27.99
N PRO A 321 -14.17 3.88 27.92
CA PRO A 321 -14.13 3.13 26.65
C PRO A 321 -15.50 2.67 26.16
N ALA A 322 -16.35 2.21 27.09
CA ALA A 322 -17.67 1.76 26.74
C ALA A 322 -18.54 2.88 26.15
N ARG A 323 -18.48 4.05 26.78
CA ARG A 323 -19.27 5.14 26.29
C ARG A 323 -18.75 5.60 24.91
N PHE A 324 -17.43 5.63 24.76
CA PHE A 324 -16.83 6.05 23.49
C PHE A 324 -17.20 5.10 22.34
N LEU A 325 -16.98 3.80 22.58
CA LEU A 325 -17.24 2.76 21.61
C LEU A 325 -18.68 2.52 21.26
N SER A 326 -19.58 2.75 22.21
CA SER A 326 -20.98 2.51 21.91
C SER A 326 -21.37 3.36 20.74
N PRO A 327 -21.87 2.78 19.63
CA PRO A 327 -22.25 3.61 18.47
C PRO A 327 -23.32 4.58 18.90
N THR A 328 -23.07 5.87 18.65
CA THR A 328 -24.02 6.88 19.10
C THR A 328 -24.33 7.94 18.06
N LEU A 329 -25.59 7.98 17.62
CA LEU A 329 -25.99 8.97 16.62
C LEU A 329 -26.33 10.32 17.24
N ARG A 330 -25.98 11.36 16.51
CA ARG A 330 -26.25 12.69 17.01
C ARG A 330 -27.75 12.90 17.13
N ALA A 331 -28.16 13.55 18.20
CA ALA A 331 -29.59 13.80 18.36
C ALA A 331 -30.07 14.65 17.17
N SER A 332 -31.27 14.36 16.65
CA SER A 332 -31.75 15.14 15.52
C SER A 332 -32.26 16.53 15.93
N ASP B 2 15.38 -22.51 -20.34
CA ASP B 2 14.42 -23.09 -21.26
C ASP B 2 12.94 -22.93 -20.94
N ARG B 3 12.64 -22.25 -19.82
CA ARG B 3 11.25 -22.06 -19.44
C ARG B 3 11.02 -20.70 -18.83
N ILE B 4 9.81 -20.17 -19.14
CA ILE B 4 9.35 -18.88 -18.63
C ILE B 4 8.21 -19.12 -17.62
N ASN B 5 8.32 -18.47 -16.44
CA ASN B 5 7.28 -18.61 -15.44
C ASN B 5 6.05 -17.72 -15.78
N THR B 6 4.88 -18.36 -15.75
CA THR B 6 3.62 -17.67 -15.99
C THR B 6 2.74 -17.92 -14.79
N VAL B 7 1.61 -17.24 -14.74
CA VAL B 7 0.68 -17.40 -13.63
C VAL B 7 0.01 -18.78 -13.65
N ARG B 8 0.15 -19.55 -14.74
CA ARG B 8 -0.41 -20.91 -14.80
C ARG B 8 0.75 -21.88 -14.67
N GLY B 9 1.99 -21.40 -14.44
CA GLY B 9 3.16 -22.28 -14.34
C GLY B 9 4.17 -22.04 -15.48
N PRO B 10 5.20 -22.88 -15.58
CA PRO B 10 6.21 -22.70 -16.62
C PRO B 10 5.75 -23.04 -18.00
N ILE B 11 6.26 -22.29 -18.98
CA ILE B 11 5.98 -22.52 -20.38
C ILE B 11 7.32 -22.57 -21.07
N THR B 12 7.36 -23.26 -22.19
CA THR B 12 8.58 -23.33 -22.93
C THR B 12 8.72 -22.03 -23.69
N ILE B 13 9.93 -21.73 -24.10
CA ILE B 13 10.16 -20.51 -24.83
C ILE B 13 9.29 -20.40 -26.10
N SER B 14 9.06 -21.51 -26.80
CA SER B 14 8.26 -21.51 -28.01
C SER B 14 6.80 -21.20 -27.78
N GLU B 15 6.31 -21.52 -26.60
CA GLU B 15 4.92 -21.30 -26.25
C GLU B 15 4.60 -19.84 -26.03
N ALA B 16 5.58 -19.00 -25.79
CA ALA B 16 5.27 -17.58 -25.57
C ALA B 16 4.58 -16.93 -26.76
N GLY B 17 5.09 -17.21 -27.95
CA GLY B 17 4.54 -16.64 -29.19
C GLY B 17 4.49 -15.13 -29.16
N PHE B 18 3.52 -14.60 -29.88
CA PHE B 18 3.36 -13.13 -29.97
C PHE B 18 3.12 -12.58 -28.55
N THR B 19 4.06 -11.79 -28.08
CA THR B 19 3.98 -11.29 -26.72
C THR B 19 3.94 -9.77 -26.53
N LEU B 20 3.04 -9.26 -25.67
CA LEU B 20 2.97 -7.84 -25.34
C LEU B 20 3.78 -7.75 -24.03
N THR B 21 4.94 -7.07 -24.07
CA THR B 21 5.86 -7.00 -22.92
C THR B 21 5.62 -6.00 -21.79
N HIS B 22 4.62 -5.08 -21.92
CA HIS B 22 4.37 -4.14 -20.84
C HIS B 22 2.89 -3.88 -20.81
N GLU B 23 2.18 -4.62 -19.93
CA GLU B 23 0.73 -4.47 -19.83
C GLU B 23 0.32 -4.59 -18.37
N HIS B 24 -1.00 -4.47 -18.11
CA HIS B 24 -1.48 -4.61 -16.74
C HIS B 24 -2.92 -5.10 -16.80
N ILE B 25 -3.29 -5.95 -15.84
CA ILE B 25 -4.67 -6.36 -15.79
C ILE B 25 -5.34 -5.20 -15.07
N CYS B 26 -4.71 -4.72 -14.01
CA CYS B 26 -5.31 -3.61 -13.28
C CYS B 26 -4.21 -2.75 -12.66
N GLY B 27 -4.30 -1.41 -12.83
CA GLY B 27 -3.34 -0.47 -12.29
C GLY B 27 -3.90 0.07 -11.01
N SER B 28 -3.38 -0.43 -9.86
CA SER B 28 -3.94 -0.03 -8.57
C SER B 28 -2.88 0.19 -7.50
N SER B 29 -3.22 -0.23 -6.28
CA SER B 29 -2.29 -0.07 -5.15
C SER B 29 -2.37 -1.34 -4.30
N ALA B 30 -1.31 -1.60 -3.56
CA ALA B 30 -1.33 -2.80 -2.71
C ALA B 30 -2.55 -2.78 -1.80
N GLY B 31 -3.23 -3.91 -1.81
CA GLY B 31 -4.42 -4.19 -1.02
C GLY B 31 -5.71 -3.49 -1.43
N PHE B 32 -5.60 -2.61 -2.43
CA PHE B 32 -6.75 -1.83 -2.89
C PHE B 32 -7.91 -2.60 -3.49
N LEU B 33 -7.61 -3.46 -4.44
CA LEU B 33 -8.65 -4.26 -5.05
C LEU B 33 -9.43 -5.13 -4.05
N ARG B 34 -8.72 -5.70 -3.06
CA ARG B 34 -9.40 -6.55 -2.08
C ARG B 34 -10.18 -5.72 -1.04
N ALA B 35 -9.68 -4.52 -0.75
CA ALA B 35 -10.35 -3.68 0.23
C ALA B 35 -11.51 -2.90 -0.35
N TRP B 36 -11.47 -2.53 -1.65
CA TRP B 36 -12.52 -1.68 -2.25
C TRP B 36 -12.80 -2.09 -3.69
N PRO B 37 -13.21 -3.32 -3.84
CA PRO B 37 -13.51 -3.82 -5.17
C PRO B 37 -14.60 -3.03 -5.88
N GLU B 38 -15.51 -2.39 -5.11
CA GLU B 38 -16.59 -1.64 -5.73
C GLU B 38 -16.04 -0.47 -6.52
N PHE B 39 -14.79 -0.11 -6.26
CA PHE B 39 -14.21 0.98 -7.02
C PHE B 39 -14.24 0.62 -8.52
N PHE B 40 -14.15 -0.66 -8.81
CA PHE B 40 -14.15 -1.20 -10.16
C PHE B 40 -15.49 -1.85 -10.50
N GLY B 41 -16.53 -1.46 -9.77
CA GLY B 41 -17.83 -2.05 -10.01
C GLY B 41 -17.91 -3.21 -9.06
N SER B 42 -17.07 -4.20 -9.33
CA SER B 42 -16.97 -5.37 -8.49
C SER B 42 -15.79 -6.16 -8.98
N ARG B 43 -15.28 -7.06 -8.15
CA ARG B 43 -14.17 -7.88 -8.56
C ARG B 43 -14.59 -8.69 -9.78
N LYS B 44 -15.80 -9.22 -9.76
CA LYS B 44 -16.28 -10.00 -10.86
C LYS B 44 -16.38 -9.22 -12.15
N ALA B 45 -16.84 -8.00 -12.04
CA ALA B 45 -16.97 -7.13 -13.18
C ALA B 45 -15.60 -6.89 -13.80
N LEU B 46 -14.61 -6.67 -12.96
CA LEU B 46 -13.28 -6.40 -13.45
C LEU B 46 -12.73 -7.64 -14.13
N ALA B 47 -12.92 -8.78 -13.51
CA ALA B 47 -12.44 -10.00 -14.10
C ALA B 47 -13.08 -10.22 -15.45
N GLU B 48 -14.41 -9.99 -15.53
CA GLU B 48 -15.12 -10.20 -16.77
C GLU B 48 -14.62 -9.28 -17.86
N LYS B 49 -14.35 -8.06 -17.49
CA LYS B 49 -13.84 -7.05 -18.45
C LYS B 49 -12.48 -7.48 -19.00
N ALA B 50 -11.62 -7.92 -18.06
CA ALA B 50 -10.29 -8.40 -18.39
C ALA B 50 -10.40 -9.61 -19.33
N VAL B 51 -11.30 -10.54 -19.00
CA VAL B 51 -11.43 -11.71 -19.88
C VAL B 51 -11.88 -11.31 -21.27
N ARG B 52 -12.85 -10.38 -21.37
CA ARG B 52 -13.25 -9.98 -22.70
C ARG B 52 -12.08 -9.37 -23.47
N GLY B 53 -11.32 -8.49 -22.81
CA GLY B 53 -10.20 -7.83 -23.47
C GLY B 53 -9.11 -8.82 -23.87
N LEU B 54 -8.78 -9.72 -22.95
CA LEU B 54 -7.76 -10.72 -23.26
C LEU B 54 -8.21 -11.63 -24.40
N ARG B 55 -9.50 -12.01 -24.43
CA ARG B 55 -10.02 -12.86 -25.49
C ARG B 55 -9.94 -12.18 -26.86
N ARG B 56 -10.20 -10.85 -26.89
CA ARG B 56 -10.12 -10.09 -28.13
C ARG B 56 -8.64 -9.96 -28.55
N ALA B 57 -7.75 -9.73 -27.57
CA ALA B 57 -6.33 -9.63 -27.92
C ALA B 57 -5.87 -10.99 -28.48
N ARG B 58 -6.32 -12.08 -27.84
CA ARG B 58 -5.97 -13.40 -28.30
C ARG B 58 -6.50 -13.65 -29.72
N ALA B 59 -7.71 -13.16 -29.99
CA ALA B 59 -8.28 -13.34 -31.32
C ALA B 59 -7.36 -12.68 -32.36
N ALA B 60 -6.77 -11.57 -31.98
CA ALA B 60 -5.86 -10.81 -32.83
C ALA B 60 -4.44 -11.37 -32.91
N GLY B 61 -4.19 -12.50 -32.25
CA GLY B 61 -2.89 -13.15 -32.30
C GLY B 61 -2.02 -13.03 -31.07
N VAL B 62 -2.44 -12.30 -30.03
CA VAL B 62 -1.62 -12.21 -28.83
C VAL B 62 -1.68 -13.53 -28.06
N ARG B 63 -0.51 -14.12 -27.77
CA ARG B 63 -0.47 -15.36 -27.04
C ARG B 63 -0.09 -15.16 -25.58
N THR B 64 0.72 -14.13 -25.30
CA THR B 64 1.17 -13.86 -23.95
C THR B 64 1.26 -12.37 -23.69
N ILE B 65 1.03 -12.01 -22.43
CA ILE B 65 1.22 -10.64 -22.01
C ILE B 65 2.06 -10.72 -20.78
N VAL B 66 2.82 -9.65 -20.54
CA VAL B 66 3.65 -9.52 -19.37
C VAL B 66 2.97 -8.44 -18.54
N ASP B 67 2.43 -8.87 -17.39
CA ASP B 67 1.77 -7.91 -16.53
C ASP B 67 2.86 -7.37 -15.63
N VAL B 68 3.27 -6.13 -15.91
CA VAL B 68 4.34 -5.49 -15.14
C VAL B 68 3.88 -4.80 -13.87
N SER B 69 2.74 -5.24 -13.31
CA SER B 69 2.28 -4.67 -12.07
C SER B 69 3.07 -5.26 -10.90
N THR B 70 3.65 -4.39 -10.09
CA THR B 70 4.42 -4.84 -8.93
C THR B 70 3.48 -4.83 -7.72
N PHE B 71 4.08 -5.19 -6.58
CA PHE B 71 3.39 -5.15 -5.31
C PHE B 71 2.65 -3.80 -5.15
N ASP B 72 3.35 -2.67 -5.38
CA ASP B 72 2.80 -1.34 -5.23
C ASP B 72 1.83 -0.82 -6.32
N ILE B 73 1.73 -1.57 -7.41
CA ILE B 73 0.79 -1.34 -8.50
C ILE B 73 -0.47 -2.16 -8.08
N GLY B 74 -0.42 -2.81 -6.89
CA GLY B 74 -1.58 -3.57 -6.42
C GLY B 74 -1.81 -4.90 -7.16
N ARG B 75 -0.75 -5.46 -7.75
CA ARG B 75 -0.79 -6.72 -8.46
C ARG B 75 -1.55 -7.75 -7.58
N ASP B 76 -2.54 -8.44 -8.15
CA ASP B 76 -3.30 -9.45 -7.47
C ASP B 76 -3.14 -10.68 -8.32
N VAL B 77 -2.11 -11.44 -7.98
CA VAL B 77 -1.77 -12.61 -8.71
C VAL B 77 -2.90 -13.63 -8.89
N SER B 78 -3.78 -13.70 -7.89
CA SER B 78 -4.93 -14.60 -7.99
C SER B 78 -5.82 -14.16 -9.17
N LEU B 79 -6.03 -12.84 -9.27
CA LEU B 79 -6.84 -12.29 -10.37
C LEU B 79 -6.19 -12.64 -11.71
N LEU B 80 -4.86 -12.42 -11.79
CA LEU B 80 -4.14 -12.73 -13.03
C LEU B 80 -4.31 -14.18 -13.44
N ALA B 81 -4.17 -15.07 -12.45
CA ALA B 81 -4.31 -16.51 -12.76
C ALA B 81 -5.73 -16.85 -13.27
N GLU B 82 -6.71 -16.25 -12.59
CA GLU B 82 -8.10 -16.48 -12.94
C GLU B 82 -8.40 -16.04 -14.37
N VAL B 83 -7.95 -14.82 -14.71
CA VAL B 83 -8.21 -14.32 -16.05
C VAL B 83 -7.40 -15.01 -17.12
N SER B 84 -6.17 -15.39 -16.74
CA SER B 84 -5.31 -16.08 -17.70
C SER B 84 -6.00 -17.41 -18.13
N ARG B 85 -6.52 -18.11 -17.11
CA ARG B 85 -7.19 -19.38 -17.33
C ARG B 85 -8.48 -19.25 -18.12
N ALA B 86 -9.30 -18.30 -17.75
CA ALA B 86 -10.58 -18.08 -18.42
C ALA B 86 -10.41 -17.59 -19.84
N ALA B 87 -9.39 -16.75 -20.12
CA ALA B 87 -9.21 -16.26 -21.50
C ALA B 87 -8.22 -17.11 -22.31
N ASP B 88 -7.46 -17.99 -21.61
CA ASP B 88 -6.45 -18.80 -22.27
C ASP B 88 -5.34 -17.95 -22.94
N VAL B 89 -4.77 -17.07 -22.15
CA VAL B 89 -3.67 -16.21 -22.61
C VAL B 89 -2.61 -16.33 -21.52
N HIS B 90 -1.35 -16.55 -21.92
CA HIS B 90 -0.32 -16.65 -20.91
C HIS B 90 -0.05 -15.26 -20.28
N ILE B 91 0.17 -15.21 -18.99
CA ILE B 91 0.45 -13.97 -18.31
C ILE B 91 1.67 -14.16 -17.44
N VAL B 92 2.69 -13.35 -17.65
CA VAL B 92 3.90 -13.39 -16.86
C VAL B 92 3.74 -12.32 -15.80
N ALA B 93 3.96 -12.68 -14.51
CA ALA B 93 3.84 -11.75 -13.41
C ALA B 93 5.18 -11.11 -13.08
N ALA B 94 5.12 -9.99 -12.38
CA ALA B 94 6.32 -9.27 -12.02
C ALA B 94 6.50 -9.09 -10.52
N THR B 95 7.77 -8.83 -10.17
CA THR B 95 8.18 -8.46 -8.87
C THR B 95 8.81 -7.09 -9.12
N GLY B 96 9.50 -6.55 -8.12
CA GLY B 96 10.11 -5.23 -8.22
C GLY B 96 9.25 -4.22 -7.45
N LEU B 97 9.53 -2.91 -7.64
CA LEU B 97 8.77 -1.86 -6.99
C LEU B 97 8.62 -0.70 -7.94
N TRP B 98 7.41 -0.17 -7.99
CA TRP B 98 7.10 0.99 -8.82
C TRP B 98 7.34 2.24 -8.01
N PHE B 99 6.70 3.36 -8.37
CA PHE B 99 6.95 4.59 -7.67
C PHE B 99 6.03 4.95 -6.53
N ASP B 100 5.30 3.96 -6.02
CA ASP B 100 4.42 4.24 -4.88
C ASP B 100 4.61 3.24 -3.74
N PRO B 101 5.85 2.94 -3.35
CA PRO B 101 6.07 1.98 -2.27
C PRO B 101 5.61 2.55 -0.91
N PRO B 102 5.02 1.70 -0.08
CA PRO B 102 4.60 2.16 1.26
C PRO B 102 5.81 2.16 2.18
N LEU B 103 5.63 2.70 3.38
CA LEU B 103 6.70 2.77 4.35
C LEU B 103 7.40 1.45 4.60
N SER B 104 6.65 0.35 4.68
CA SER B 104 7.26 -0.93 4.96
C SER B 104 8.28 -1.33 3.91
N MET B 105 8.11 -0.78 2.71
CA MET B 105 9.05 -1.07 1.63
C MET B 105 10.15 0.02 1.59
N ARG B 106 9.71 1.30 1.66
CA ARG B 106 10.62 2.44 1.61
C ARG B 106 11.71 2.50 2.67
N LEU B 107 11.53 1.84 3.81
CA LEU B 107 12.55 1.89 4.83
C LEU B 107 13.50 0.71 4.73
N ARG B 108 13.38 -0.13 3.72
CA ARG B 108 14.22 -1.30 3.60
C ARG B 108 15.55 -1.05 2.95
N SER B 109 16.51 -1.92 3.28
CA SER B 109 17.84 -1.81 2.70
C SER B 109 17.91 -2.55 1.38
N VAL B 110 19.00 -2.34 0.63
CA VAL B 110 19.18 -3.04 -0.65
C VAL B 110 19.17 -4.55 -0.45
N GLU B 111 19.80 -5.04 0.63
CA GLU B 111 19.86 -6.43 0.95
C GLU B 111 18.45 -6.98 1.22
N GLU B 112 17.68 -6.23 2.02
CA GLU B 112 16.30 -6.68 2.31
C GLU B 112 15.47 -6.74 1.03
N LEU B 113 15.46 -5.63 0.27
CA LEU B 113 14.70 -5.64 -0.98
C LEU B 113 15.09 -6.80 -1.88
N THR B 114 16.39 -7.09 -1.91
CA THR B 114 16.88 -8.18 -2.75
C THR B 114 16.22 -9.50 -2.37
N GLN B 115 16.16 -9.74 -1.05
CA GLN B 115 15.53 -10.97 -0.61
C GLN B 115 14.04 -11.00 -1.00
N PHE B 116 13.36 -9.84 -0.89
CA PHE B 116 11.96 -9.78 -1.25
C PHE B 116 11.81 -10.10 -2.73
N PHE B 117 12.58 -9.44 -3.59
CA PHE B 117 12.42 -9.76 -5.00
C PHE B 117 12.72 -11.25 -5.30
N LEU B 118 13.78 -11.77 -4.62
CA LEU B 118 14.12 -13.17 -4.85
C LEU B 118 12.98 -14.07 -4.43
N ARG B 119 12.34 -13.71 -3.34
CA ARG B 119 11.23 -14.52 -2.88
C ARG B 119 10.18 -14.68 -3.98
N GLU B 120 9.79 -13.52 -4.58
CA GLU B 120 8.77 -13.53 -5.60
C GLU B 120 9.12 -14.26 -6.87
N ILE B 121 10.43 -14.27 -7.19
CA ILE B 121 10.88 -14.95 -8.38
C ILE B 121 11.09 -16.44 -8.16
N GLN B 122 11.80 -16.79 -7.08
CA GLN B 122 12.16 -18.18 -6.82
C GLN B 122 11.14 -19.07 -6.13
N TYR B 123 10.48 -18.54 -5.15
CA TYR B 123 9.53 -19.35 -4.40
C TYR B 123 8.12 -19.11 -4.81
N GLY B 124 7.71 -17.82 -4.81
CA GLY B 124 6.36 -17.51 -5.23
C GLY B 124 5.83 -16.26 -4.59
N ILE B 125 4.87 -15.67 -5.29
CA ILE B 125 4.25 -14.47 -4.80
C ILE B 125 3.22 -14.81 -3.74
N GLU B 126 3.26 -14.06 -2.63
CA GLU B 126 2.35 -14.32 -1.53
C GLU B 126 2.42 -15.84 -1.20
N ASP B 127 1.28 -16.51 -0.99
CA ASP B 127 1.27 -17.94 -0.67
C ASP B 127 0.78 -18.79 -1.84
N THR B 128 0.87 -18.23 -3.04
CA THR B 128 0.38 -18.88 -4.23
C THR B 128 1.33 -19.76 -5.01
N GLY B 129 2.66 -19.57 -4.85
CA GLY B 129 3.58 -20.36 -5.63
C GLY B 129 3.73 -19.79 -7.05
N ILE B 130 3.02 -18.69 -7.38
CA ILE B 130 3.13 -18.10 -8.71
C ILE B 130 4.41 -17.28 -8.67
N ARG B 131 5.34 -17.69 -9.52
CA ARG B 131 6.65 -17.04 -9.56
C ARG B 131 6.75 -15.98 -10.64
N ALA B 132 7.34 -14.87 -10.27
CA ALA B 132 7.54 -13.74 -11.18
C ALA B 132 8.54 -14.12 -12.29
N GLY B 133 8.28 -13.62 -13.52
CA GLY B 133 9.15 -13.87 -14.65
C GLY B 133 9.86 -12.59 -15.11
N ILE B 134 9.71 -11.52 -14.33
CA ILE B 134 10.33 -10.23 -14.69
C ILE B 134 10.41 -9.35 -13.48
N ILE B 135 11.35 -8.40 -13.47
CA ILE B 135 11.47 -7.49 -12.36
C ILE B 135 11.18 -6.08 -12.89
N LYS B 136 10.24 -5.36 -12.25
CA LYS B 136 9.84 -4.01 -12.64
C LYS B 136 10.36 -2.98 -11.69
N VAL B 137 10.92 -1.87 -12.22
CA VAL B 137 11.40 -0.78 -11.42
C VAL B 137 10.97 0.53 -12.04
N ALA B 138 11.19 1.64 -11.35
CA ALA B 138 10.76 2.91 -11.93
C ALA B 138 11.44 4.10 -11.30
N THR B 139 11.52 5.15 -12.14
CA THR B 139 11.98 6.48 -11.80
C THR B 139 11.04 7.43 -12.56
N THR B 140 10.98 8.66 -12.10
CA THR B 140 10.17 9.72 -12.76
C THR B 140 11.08 10.94 -12.62
N GLY B 141 12.19 10.93 -13.38
CA GLY B 141 13.18 11.98 -13.32
C GLY B 141 14.36 11.39 -12.54
N LYS B 142 15.25 12.22 -12.01
CA LYS B 142 16.39 11.70 -11.27
C LYS B 142 15.89 10.74 -10.19
N ALA B 143 16.57 9.62 -10.00
CA ALA B 143 16.10 8.66 -8.98
C ALA B 143 16.15 9.21 -7.55
N THR B 144 15.18 8.81 -6.74
CA THR B 144 15.22 9.20 -5.34
C THR B 144 16.23 8.25 -4.69
N PRO B 145 16.70 8.53 -3.49
CA PRO B 145 17.63 7.61 -2.84
C PRO B 145 17.07 6.18 -2.78
N PHE B 146 15.76 6.09 -2.43
CA PHE B 146 15.19 4.75 -2.34
C PHE B 146 15.14 4.06 -3.70
N GLN B 147 14.83 4.82 -4.74
CA GLN B 147 14.78 4.25 -6.05
C GLN B 147 16.13 3.70 -6.45
N GLU B 148 17.22 4.37 -6.01
CA GLU B 148 18.53 3.84 -6.35
C GLU B 148 18.69 2.43 -5.73
N LEU B 149 18.20 2.28 -4.50
CA LEU B 149 18.27 0.99 -3.84
C LEU B 149 17.47 -0.04 -4.58
N VAL B 150 16.27 0.34 -5.04
CA VAL B 150 15.43 -0.59 -5.74
C VAL B 150 16.12 -1.05 -6.98
N LEU B 151 16.72 -0.10 -7.72
CA LEU B 151 17.43 -0.47 -8.95
C LEU B 151 18.60 -1.45 -8.72
N LYS B 152 19.32 -1.20 -7.62
CA LYS B 152 20.43 -2.07 -7.28
C LYS B 152 19.93 -3.47 -6.88
N ALA B 153 18.84 -3.51 -6.10
CA ALA B 153 18.26 -4.80 -5.69
C ALA B 153 17.74 -5.55 -6.90
N ALA B 154 17.11 -4.83 -7.83
CA ALA B 154 16.61 -5.41 -9.05
C ALA B 154 17.76 -6.06 -9.83
N ALA B 155 18.89 -5.32 -9.94
CA ALA B 155 20.05 -5.87 -10.62
C ALA B 155 20.57 -7.14 -9.90
N ARG B 156 20.66 -7.11 -8.60
CA ARG B 156 21.14 -8.28 -7.90
C ARG B 156 20.21 -9.50 -8.10
N ALA B 157 18.88 -9.26 -8.02
CA ALA B 157 17.92 -10.33 -8.21
C ALA B 157 18.03 -10.87 -9.61
N SER B 158 18.20 -9.97 -10.59
CA SER B 158 18.34 -10.44 -11.95
C SER B 158 19.60 -11.27 -12.16
N LEU B 159 20.69 -10.83 -11.53
CA LEU B 159 21.95 -11.54 -11.69
C LEU B 159 21.84 -12.96 -11.11
N ALA B 160 21.15 -13.06 -9.96
CA ALA B 160 21.01 -14.37 -9.32
C ALA B 160 20.04 -15.35 -10.03
N THR B 161 19.00 -14.79 -10.66
CA THR B 161 17.99 -15.62 -11.29
C THR B 161 17.96 -15.68 -12.79
N GLY B 162 18.53 -14.70 -13.45
CA GLY B 162 18.50 -14.69 -14.89
C GLY B 162 17.25 -13.98 -15.46
N VAL B 163 16.27 -13.62 -14.59
CA VAL B 163 15.05 -12.96 -15.03
C VAL B 163 15.37 -11.49 -15.39
N PRO B 164 14.77 -10.97 -16.46
CA PRO B 164 15.04 -9.59 -16.87
C PRO B 164 14.39 -8.50 -16.01
N VAL B 165 14.88 -7.27 -16.22
CA VAL B 165 14.41 -6.11 -15.54
C VAL B 165 13.78 -5.20 -16.59
N THR B 166 12.66 -4.54 -16.22
CA THR B 166 11.99 -3.64 -17.14
C THR B 166 11.67 -2.40 -16.34
N THR B 167 11.69 -1.24 -16.99
CA THR B 167 11.49 -0.04 -16.24
C THR B 167 10.44 0.91 -16.79
N HIS B 168 10.04 1.74 -15.87
CA HIS B 168 9.15 2.87 -16.08
C HIS B 168 10.14 4.07 -16.09
N THR B 169 9.99 4.97 -17.05
CA THR B 169 10.84 6.17 -17.11
C THR B 169 10.00 7.37 -17.42
N ALA B 170 10.59 8.54 -17.12
CA ALA B 170 10.10 9.87 -17.49
C ALA B 170 11.05 9.99 -18.74
N ALA B 171 10.66 9.42 -19.89
CA ALA B 171 11.51 9.40 -21.09
C ALA B 171 12.09 10.72 -21.51
N SER B 172 11.22 11.74 -21.50
CA SER B 172 11.69 13.07 -21.90
C SER B 172 12.79 13.62 -20.99
N GLN B 173 13.00 13.04 -19.82
CA GLN B 173 14.05 13.47 -18.91
C GLN B 173 15.27 12.56 -18.99
N ARG B 174 15.22 11.62 -19.94
CA ARG B 174 16.36 10.71 -20.17
C ARG B 174 16.71 9.83 -18.98
N ASP B 175 15.69 9.43 -18.19
CA ASP B 175 15.98 8.61 -17.02
C ASP B 175 16.76 7.33 -17.37
N GLY B 176 16.54 6.81 -18.60
CA GLY B 176 17.20 5.58 -19.00
C GLY B 176 18.69 5.63 -18.75
N GLU B 177 19.28 6.81 -18.93
CA GLU B 177 20.73 6.95 -18.71
C GLU B 177 21.13 6.70 -17.27
N GLN B 178 20.44 7.32 -16.31
CA GLN B 178 20.79 7.07 -14.92
C GLN B 178 20.49 5.59 -14.56
N GLN B 179 19.35 5.07 -15.09
CA GLN B 179 19.00 3.70 -14.80
C GLN B 179 20.14 2.75 -15.20
N ALA B 180 20.58 2.96 -16.45
CA ALA B 180 21.65 2.16 -17.04
C ALA B 180 22.93 2.26 -16.21
N ALA B 181 23.25 3.48 -15.78
CA ALA B 181 24.46 3.65 -14.99
C ALA B 181 24.42 2.82 -13.72
N ILE B 182 23.26 2.87 -13.05
CA ILE B 182 23.11 2.12 -11.80
C ILE B 182 23.18 0.60 -12.02
N PHE B 183 22.47 0.14 -13.07
CA PHE B 183 22.45 -1.25 -13.36
C PHE B 183 23.85 -1.72 -13.64
N GLU B 184 24.55 -0.92 -14.45
CA GLU B 184 25.91 -1.29 -14.79
C GLU B 184 26.85 -1.33 -13.58
N SER B 185 26.60 -0.44 -12.66
CA SER B 185 27.43 -0.38 -11.48
C SER B 185 27.29 -1.67 -10.69
N GLU B 186 26.22 -2.42 -10.93
CA GLU B 186 25.96 -3.69 -10.23
C GLU B 186 26.40 -4.86 -11.09
N GLY B 187 26.94 -4.53 -12.26
CA GLY B 187 27.40 -5.57 -13.19
C GLY B 187 26.30 -6.28 -13.99
N LEU B 188 25.13 -5.67 -14.14
CA LEU B 188 24.09 -6.33 -14.92
C LEU B 188 24.29 -6.07 -16.41
N SER B 189 23.99 -7.05 -17.22
CA SER B 189 24.13 -6.87 -18.67
C SER B 189 22.96 -6.04 -19.24
N PRO B 190 23.25 -5.08 -20.12
CA PRO B 190 22.19 -4.28 -20.70
C PRO B 190 21.19 -5.12 -21.39
N SER B 191 21.61 -6.28 -21.90
CA SER B 191 20.68 -7.16 -22.61
C SER B 191 19.63 -7.76 -21.71
N ARG B 192 19.75 -7.62 -20.41
CA ARG B 192 18.73 -8.13 -19.52
C ARG B 192 17.77 -6.99 -19.12
N VAL B 193 17.94 -5.81 -19.78
CA VAL B 193 17.14 -4.66 -19.39
C VAL B 193 16.39 -3.95 -20.50
N CYS B 194 15.11 -3.67 -20.18
CA CYS B 194 14.24 -2.94 -21.07
C CYS B 194 13.93 -1.58 -20.45
N ILE B 195 14.29 -0.52 -21.16
CA ILE B 195 14.07 0.85 -20.70
C ILE B 195 12.71 1.22 -21.32
N GLY B 196 11.68 1.24 -20.46
CA GLY B 196 10.29 1.46 -20.89
C GLY B 196 9.81 2.88 -21.06
N HIS B 197 8.58 2.97 -21.59
CA HIS B 197 7.90 4.24 -21.90
C HIS B 197 8.79 5.10 -22.79
N SER B 198 9.65 4.44 -23.56
CA SER B 198 10.58 5.13 -24.42
C SER B 198 9.98 5.88 -25.59
N ASP B 199 8.76 5.54 -25.98
CA ASP B 199 8.16 6.26 -27.07
C ASP B 199 7.55 7.59 -26.62
N ASP B 200 7.70 7.88 -25.31
CA ASP B 200 7.21 9.13 -24.74
C ASP B 200 8.11 10.29 -25.14
N THR B 201 9.27 9.99 -25.74
CA THR B 201 10.19 11.05 -26.16
C THR B 201 10.41 10.99 -27.68
N ASP B 202 10.74 12.14 -28.26
CA ASP B 202 11.04 12.22 -29.67
C ASP B 202 12.58 12.31 -29.84
N ASP B 203 13.31 12.14 -28.76
CA ASP B 203 14.78 12.20 -28.80
C ASP B 203 15.38 10.85 -29.21
N LEU B 204 15.48 10.67 -30.51
CA LEU B 204 16.00 9.43 -31.08
C LEU B 204 17.44 9.25 -30.69
N SER B 205 18.17 10.36 -30.50
CA SER B 205 19.57 10.21 -30.08
C SER B 205 19.70 9.49 -28.79
N TYR B 206 18.88 9.88 -27.83
CA TYR B 206 18.91 9.25 -26.53
C TYR B 206 18.61 7.77 -26.66
N LEU B 207 17.59 7.43 -27.47
CA LEU B 207 17.20 6.02 -27.64
C LEU B 207 18.26 5.19 -28.33
N THR B 208 18.80 5.72 -29.43
CA THR B 208 19.80 4.94 -30.14
C THR B 208 21.06 4.78 -29.31
N ALA B 209 21.43 5.76 -28.49
CA ALA B 209 22.66 5.61 -27.69
C ALA B 209 22.48 4.51 -26.64
N LEU B 210 21.25 4.36 -26.10
CA LEU B 210 20.99 3.29 -25.14
C LEU B 210 21.01 1.97 -25.91
N ALA B 211 20.42 1.96 -27.11
CA ALA B 211 20.38 0.72 -27.90
C ALA B 211 21.78 0.27 -28.27
N ALA B 212 22.59 1.25 -28.58
CA ALA B 212 23.98 1.01 -28.96
C ALA B 212 24.73 0.29 -27.83
N ARG B 213 24.33 0.56 -26.57
CA ARG B 213 24.94 -0.04 -25.41
C ARG B 213 24.37 -1.44 -25.11
N GLY B 214 23.35 -1.85 -25.86
CA GLY B 214 22.77 -3.18 -25.67
C GLY B 214 21.45 -3.23 -24.94
N TYR B 215 20.92 -2.06 -24.55
CA TYR B 215 19.66 -2.07 -23.86
C TYR B 215 18.48 -2.35 -24.79
N LEU B 216 17.42 -2.87 -24.19
CA LEU B 216 16.23 -3.08 -24.98
C LEU B 216 15.42 -1.79 -24.77
N ILE B 217 14.72 -1.36 -25.83
CA ILE B 217 13.94 -0.14 -25.81
C ILE B 217 12.47 -0.50 -25.84
N GLY B 218 11.76 -0.16 -24.74
CA GLY B 218 10.32 -0.50 -24.69
C GLY B 218 9.46 0.63 -25.23
N LEU B 219 8.93 0.42 -26.42
CA LEU B 219 8.05 1.40 -27.08
C LEU B 219 6.66 0.83 -26.79
N ASP B 220 6.23 1.14 -25.56
CA ASP B 220 5.01 0.60 -24.97
C ASP B 220 3.91 1.58 -24.71
N HIS B 221 3.99 2.80 -25.24
CA HIS B 221 2.91 3.77 -25.03
C HIS B 221 2.24 4.14 -26.36
N ILE B 222 2.37 3.25 -27.37
CA ILE B 222 1.84 3.55 -28.68
C ILE B 222 0.44 4.19 -28.78
N PRO B 223 -0.56 3.55 -28.16
CA PRO B 223 -1.92 4.13 -28.29
C PRO B 223 -2.20 5.28 -27.34
N HIS B 224 -1.25 5.68 -26.51
CA HIS B 224 -1.50 6.75 -25.57
C HIS B 224 -1.48 8.15 -26.18
N SER B 225 -2.64 8.79 -26.26
CA SER B 225 -2.72 10.15 -26.82
C SER B 225 -4.00 10.87 -26.35
N ALA B 226 -3.84 12.15 -26.05
CA ALA B 226 -4.94 12.98 -25.63
C ALA B 226 -5.34 13.90 -26.77
N ILE B 227 -4.87 13.59 -27.97
CA ILE B 227 -5.27 14.43 -29.13
C ILE B 227 -6.79 14.28 -29.20
N GLY B 228 -7.48 15.42 -29.17
CA GLY B 228 -8.93 15.40 -29.20
C GLY B 228 -9.52 15.61 -27.79
N LEU B 229 -8.66 15.65 -26.78
CA LEU B 229 -9.11 15.84 -25.41
C LEU B 229 -8.27 16.91 -24.73
N GLU B 230 -7.78 17.89 -25.48
CA GLU B 230 -6.95 18.91 -24.87
C GLU B 230 -7.52 19.56 -23.65
N ASP B 231 -8.84 19.66 -23.69
CA ASP B 231 -9.69 20.23 -22.67
C ASP B 231 -9.71 19.42 -21.36
N ASN B 232 -9.16 18.22 -21.40
CA ASN B 232 -9.09 17.32 -20.27
C ASN B 232 -7.66 17.35 -19.77
N ALA B 233 -7.41 18.16 -18.75
CA ALA B 233 -6.08 18.33 -18.19
C ALA B 233 -5.44 17.06 -17.67
N SER B 234 -6.19 16.29 -16.90
CA SER B 234 -5.64 15.07 -16.32
C SER B 234 -5.24 14.07 -17.39
N ALA B 235 -6.13 13.91 -18.37
CA ALA B 235 -5.89 13.01 -19.46
C ALA B 235 -4.73 13.52 -20.31
N SER B 236 -4.68 14.83 -20.55
CA SER B 236 -3.59 15.35 -21.34
C SER B 236 -2.26 15.12 -20.67
N ALA B 237 -2.20 15.37 -19.36
CA ALA B 237 -0.99 15.21 -18.61
C ALA B 237 -0.52 13.75 -18.65
N LEU B 238 -1.46 12.82 -18.62
CA LEU B 238 -1.05 11.43 -18.62
C LEU B 238 -0.66 10.89 -19.97
N LEU B 239 -1.49 11.17 -20.96
CA LEU B 239 -1.28 10.63 -22.31
C LEU B 239 -0.48 11.40 -23.31
N GLY B 240 -0.31 12.70 -23.08
CA GLY B 240 0.42 13.54 -24.04
C GLY B 240 -0.41 13.96 -25.27
N ILE B 241 0.20 14.76 -26.13
CA ILE B 241 -0.45 15.26 -27.35
C ILE B 241 0.21 14.78 -28.66
N ARG B 242 1.07 13.76 -28.53
CA ARG B 242 1.69 13.22 -29.71
C ARG B 242 0.78 12.10 -30.21
N SER B 243 0.69 11.89 -31.53
CA SER B 243 -0.21 10.85 -32.06
C SER B 243 0.39 9.44 -31.95
N TRP B 244 -0.50 8.44 -32.12
CA TRP B 244 -0.05 7.05 -32.08
C TRP B 244 0.90 6.80 -33.27
N GLN B 245 0.63 7.44 -34.44
CA GLN B 245 1.48 7.27 -35.59
C GLN B 245 2.85 7.81 -35.32
N THR B 246 2.94 8.98 -34.65
CA THR B 246 4.26 9.50 -34.34
C THR B 246 5.00 8.51 -33.41
N ARG B 247 4.31 7.93 -32.42
CA ARG B 247 5.01 7.00 -31.55
C ARG B 247 5.42 5.72 -32.30
N ALA B 248 4.52 5.21 -33.12
CA ALA B 248 4.77 3.98 -33.90
C ALA B 248 5.93 4.18 -34.85
N LEU B 249 6.08 5.40 -35.38
CA LEU B 249 7.19 5.66 -36.28
C LEU B 249 8.53 5.52 -35.60
N LEU B 250 8.57 5.59 -34.25
CA LEU B 250 9.84 5.42 -33.55
C LEU B 250 10.31 3.97 -33.69
N ILE B 251 9.35 3.06 -33.84
CA ILE B 251 9.69 1.65 -34.02
C ILE B 251 10.44 1.55 -35.35
N LYS B 252 9.86 2.16 -36.38
CA LYS B 252 10.50 2.17 -37.69
C LYS B 252 11.88 2.87 -37.59
N ALA B 253 11.95 4.01 -36.86
CA ALA B 253 13.22 4.70 -36.77
C ALA B 253 14.31 3.81 -36.21
N LEU B 254 14.00 3.07 -35.15
CA LEU B 254 15.00 2.21 -34.53
C LEU B 254 15.40 1.07 -35.44
N ILE B 255 14.42 0.56 -36.17
CA ILE B 255 14.69 -0.49 -37.09
C ILE B 255 15.70 0.06 -38.13
N ASP B 256 15.39 1.25 -38.64
CA ASP B 256 16.23 1.85 -39.65
C ASP B 256 17.64 2.13 -39.17
N GLN B 257 17.82 2.30 -37.87
CA GLN B 257 19.13 2.56 -37.32
C GLN B 257 19.92 1.29 -37.02
N GLY B 258 19.29 0.14 -37.32
CA GLY B 258 19.85 -1.17 -37.13
C GLY B 258 19.55 -1.83 -35.79
N TYR B 259 18.58 -1.35 -35.05
CA TYR B 259 18.33 -1.95 -33.74
C TYR B 259 17.07 -2.80 -33.66
N MET B 260 16.64 -3.36 -34.78
CA MET B 260 15.41 -4.17 -34.70
C MET B 260 15.45 -5.26 -33.62
N LYS B 261 16.65 -5.78 -33.27
CA LYS B 261 16.69 -6.84 -32.25
C LYS B 261 16.54 -6.33 -30.82
N GLN B 262 16.53 -5.03 -30.68
CA GLN B 262 16.45 -4.42 -29.36
C GLN B 262 15.15 -3.67 -29.04
N ILE B 263 14.14 -3.88 -29.87
CA ILE B 263 12.86 -3.22 -29.68
C ILE B 263 11.82 -4.15 -29.05
N LEU B 264 11.07 -3.63 -28.08
CA LEU B 264 9.96 -4.35 -27.47
C LEU B 264 8.77 -3.41 -27.60
N VAL B 265 7.64 -3.92 -28.13
CA VAL B 265 6.46 -3.08 -28.34
C VAL B 265 5.28 -3.53 -27.45
N SER B 266 4.52 -2.55 -26.91
CA SER B 266 3.36 -2.88 -26.07
C SER B 266 2.41 -1.67 -26.06
N ASN B 267 1.34 -1.80 -25.28
CA ASN B 267 0.32 -0.74 -25.17
C ASN B 267 0.24 -0.11 -23.77
N ASP B 268 0.78 -0.78 -22.72
CA ASP B 268 0.67 -0.31 -21.37
C ASP B 268 -0.81 -0.12 -21.09
N TRP B 269 -1.61 -1.12 -21.48
CA TRP B 269 -3.07 -1.05 -21.25
C TRP B 269 -3.43 -1.66 -19.89
N LEU B 270 -4.71 -1.55 -19.54
CA LEU B 270 -5.22 -2.05 -18.27
C LEU B 270 -6.72 -2.14 -18.39
N PHE B 271 -7.35 -2.88 -17.47
CA PHE B 271 -8.79 -3.07 -17.44
C PHE B 271 -9.43 -2.30 -16.28
N GLY B 272 -8.61 -1.92 -15.32
CA GLY B 272 -9.04 -1.12 -14.16
C GLY B 272 -7.89 -0.20 -13.87
N PHE B 273 -8.15 0.99 -13.34
CA PHE B 273 -7.07 1.93 -13.06
C PHE B 273 -7.51 2.88 -11.93
N SER B 274 -7.01 2.60 -10.70
CA SER B 274 -7.39 3.39 -9.53
C SER B 274 -6.35 4.36 -9.03
N SER B 275 -5.12 4.19 -9.52
CA SER B 275 -4.01 5.02 -9.09
C SER B 275 -3.92 6.45 -9.70
N TYR B 276 -4.97 6.88 -10.40
CA TYR B 276 -5.02 8.21 -11.01
C TYR B 276 -6.43 8.80 -10.77
N VAL B 277 -6.86 9.76 -11.58
CA VAL B 277 -8.17 10.33 -11.39
C VAL B 277 -9.25 9.29 -11.66
N THR B 278 -10.39 9.50 -11.01
CA THR B 278 -11.48 8.57 -11.20
C THR B 278 -11.94 8.74 -12.63
N ASN B 279 -12.29 7.68 -13.30
CA ASN B 279 -12.75 7.95 -14.70
C ASN B 279 -11.69 7.94 -15.77
N ILE B 280 -10.43 7.83 -15.36
CA ILE B 280 -9.40 7.78 -16.39
C ILE B 280 -9.58 6.53 -17.24
N MET B 281 -10.04 5.44 -16.65
CA MET B 281 -10.21 4.22 -17.42
C MET B 281 -11.19 4.43 -18.58
N ASP B 282 -12.33 5.05 -18.29
CA ASP B 282 -13.31 5.29 -19.36
C ASP B 282 -12.74 6.19 -20.44
N VAL B 283 -12.01 7.21 -20.02
CA VAL B 283 -11.42 8.15 -20.94
C VAL B 283 -10.49 7.37 -21.88
N MET B 284 -9.62 6.56 -21.26
CA MET B 284 -8.67 5.75 -22.03
C MET B 284 -9.34 4.78 -22.97
N ASP B 285 -10.40 4.10 -22.51
CA ASP B 285 -11.08 3.15 -23.37
C ASP B 285 -11.73 3.80 -24.58
N ARG B 286 -12.12 5.06 -24.45
CA ARG B 286 -12.72 5.80 -25.55
C ARG B 286 -11.61 6.18 -26.54
N VAL B 287 -10.45 6.52 -26.00
CA VAL B 287 -9.31 6.88 -26.85
C VAL B 287 -8.84 5.69 -27.66
N ASN B 288 -8.77 4.55 -27.00
CA ASN B 288 -8.33 3.33 -27.67
C ASN B 288 -9.22 2.12 -27.39
N PRO B 289 -10.33 2.03 -28.13
CA PRO B 289 -11.27 0.92 -27.93
C PRO B 289 -10.67 -0.47 -28.15
N ASP B 290 -9.61 -0.53 -28.96
CA ASP B 290 -8.94 -1.80 -29.23
C ASP B 290 -8.19 -2.31 -28.01
N GLY B 291 -7.85 -1.41 -27.07
CA GLY B 291 -7.11 -1.83 -25.89
C GLY B 291 -5.81 -2.56 -26.26
N MET B 292 -5.57 -3.72 -25.64
CA MET B 292 -4.38 -4.50 -25.89
C MET B 292 -4.25 -4.96 -27.32
N ALA B 293 -5.37 -5.07 -28.04
CA ALA B 293 -5.30 -5.53 -29.41
C ALA B 293 -4.78 -4.43 -30.34
N PHE B 294 -4.54 -3.24 -29.80
CA PHE B 294 -4.07 -2.13 -30.62
C PHE B 294 -2.80 -2.45 -31.39
N ILE B 295 -1.85 -3.08 -30.71
CA ILE B 295 -0.59 -3.41 -31.36
C ILE B 295 -0.79 -4.30 -32.60
N PRO B 296 -1.40 -5.49 -32.47
CA PRO B 296 -1.60 -6.35 -33.65
C PRO B 296 -2.62 -5.83 -34.66
N LEU B 297 -3.65 -5.15 -34.19
CA LEU B 297 -4.64 -4.68 -35.14
C LEU B 297 -4.29 -3.40 -35.88
N ARG B 298 -3.52 -2.51 -35.26
CA ARG B 298 -3.25 -1.26 -35.94
C ARG B 298 -1.78 -0.94 -36.17
N VAL B 299 -0.98 -1.20 -35.15
CA VAL B 299 0.44 -0.86 -35.27
C VAL B 299 1.20 -1.73 -36.26
N ILE B 300 1.00 -3.05 -36.16
CA ILE B 300 1.72 -3.95 -37.04
C ILE B 300 1.44 -3.64 -38.52
N PRO B 301 0.15 -3.49 -38.83
CA PRO B 301 -0.21 -3.17 -40.21
C PRO B 301 0.36 -1.85 -40.65
N PHE B 302 0.34 -0.88 -39.73
CA PHE B 302 0.85 0.44 -40.05
C PHE B 302 2.30 0.34 -40.44
N LEU B 303 3.07 -0.39 -39.67
CA LEU B 303 4.51 -0.53 -39.95
C LEU B 303 4.77 -1.26 -41.25
N ARG B 304 3.97 -2.27 -41.51
CA ARG B 304 4.11 -3.02 -42.75
C ARG B 304 3.89 -2.04 -43.92
N GLU B 305 2.84 -1.22 -43.78
CA GLU B 305 2.51 -0.26 -44.80
C GLU B 305 3.63 0.71 -45.02
N LYS B 306 4.39 0.96 -43.96
CA LYS B 306 5.54 1.87 -44.06
C LYS B 306 6.77 1.14 -44.58
N GLY B 307 6.65 -0.13 -45.02
CA GLY B 307 7.80 -0.86 -45.52
C GLY B 307 8.49 -1.82 -44.59
N VAL B 308 8.03 -1.98 -43.34
CA VAL B 308 8.74 -2.92 -42.49
C VAL B 308 8.34 -4.30 -42.92
N PRO B 309 9.34 -5.15 -43.18
CA PRO B 309 9.06 -6.51 -43.64
C PRO B 309 8.49 -7.45 -42.58
N GLN B 310 7.76 -8.43 -43.11
CA GLN B 310 7.14 -9.46 -42.33
C GLN B 310 8.11 -10.03 -41.29
N GLU B 311 9.28 -10.45 -41.76
CA GLU B 311 10.22 -11.06 -40.84
C GLU B 311 10.62 -10.18 -39.70
N THR B 312 10.71 -8.87 -40.01
CA THR B 312 11.14 -7.93 -38.97
C THR B 312 10.04 -7.78 -37.93
N LEU B 313 8.82 -7.70 -38.41
CA LEU B 313 7.67 -7.58 -37.53
C LEU B 313 7.56 -8.80 -36.61
N ALA B 314 7.77 -9.97 -37.22
CA ALA B 314 7.69 -11.20 -36.42
C ALA B 314 8.82 -11.30 -35.41
N GLY B 315 9.99 -10.82 -35.81
CA GLY B 315 11.13 -10.86 -34.93
C GLY B 315 10.90 -9.96 -33.73
N ILE B 316 10.34 -8.77 -33.97
CA ILE B 316 10.10 -7.85 -32.85
C ILE B 316 9.02 -8.32 -31.87
N THR B 317 7.95 -8.91 -32.41
CA THR B 317 6.82 -9.37 -31.60
C THR B 317 6.92 -10.76 -31.00
N VAL B 318 7.81 -11.58 -31.57
CA VAL B 318 7.97 -12.95 -31.08
C VAL B 318 9.39 -13.25 -30.60
N THR B 319 10.34 -13.07 -31.50
CA THR B 319 11.72 -13.36 -31.16
C THR B 319 12.30 -12.51 -30.04
N ASN B 320 12.12 -11.20 -30.13
CA ASN B 320 12.67 -10.34 -29.09
C ASN B 320 12.16 -10.62 -27.70
N PRO B 321 10.85 -10.76 -27.55
CA PRO B 321 10.28 -11.05 -26.24
C PRO B 321 10.77 -12.40 -25.69
N ALA B 322 10.90 -13.40 -26.58
CA ALA B 322 11.37 -14.71 -26.19
C ALA B 322 12.81 -14.62 -25.61
N ARG B 323 13.68 -13.90 -26.32
CA ARG B 323 15.06 -13.75 -25.90
C ARG B 323 15.13 -13.01 -24.57
N PHE B 324 14.37 -11.94 -24.47
CA PHE B 324 14.38 -11.14 -23.25
C PHE B 324 13.85 -11.93 -22.03
N LEU B 325 12.71 -12.60 -22.19
CA LEU B 325 12.08 -13.33 -21.10
C LEU B 325 12.78 -14.62 -20.71
N SER B 326 13.48 -15.25 -21.65
CA SER B 326 14.18 -16.47 -21.26
C SER B 326 15.21 -16.15 -20.15
N PRO B 327 15.10 -16.81 -18.99
CA PRO B 327 16.04 -16.55 -17.88
C PRO B 327 17.47 -16.86 -18.37
N THR B 328 18.34 -15.87 -18.23
CA THR B 328 19.69 -15.98 -18.72
C THR B 328 20.71 -15.45 -17.75
N LEU B 329 21.51 -16.36 -17.20
CA LEU B 329 22.56 -15.98 -16.25
C LEU B 329 23.80 -15.50 -16.99
N ARG B 330 24.53 -14.58 -16.36
CA ARG B 330 25.76 -14.06 -16.94
C ARG B 330 26.80 -15.18 -17.07
N ALA B 331 27.54 -15.22 -18.16
CA ALA B 331 28.53 -16.28 -18.23
C ALA B 331 29.63 -16.09 -17.17
N SER B 332 30.20 -17.21 -16.69
CA SER B 332 31.25 -17.18 -15.68
C SER B 332 32.60 -16.89 -16.33
ZN ZN C . -1.05 3.43 16.83
ZN ZN D . -0.11 6.57 15.79
NA NA E . -21.81 -1.42 11.74
C1 EDO F . 2.49 2.13 13.26
O1 EDO F . 3.35 3.14 13.81
C2 EDO F . 1.12 2.28 13.89
O2 EDO F . 0.62 3.58 13.61
C1 EDO G . -11.01 16.51 -3.96
O1 EDO G . -10.13 15.88 -4.88
C2 EDO G . -10.39 17.80 -3.39
O2 EDO G . -11.25 18.48 -2.48
C1 EDO H . -1.42 -18.94 16.57
O1 EDO H . -1.36 -20.30 16.10
C2 EDO H . -2.92 -18.69 16.75
O2 EDO H . -3.61 -19.42 15.74
C1 EDO I . -22.79 11.51 3.25
O1 EDO I . -21.45 11.93 3.45
C2 EDO I . -23.10 10.34 4.18
O2 EDO I . -24.03 10.77 5.14
C1 EDO J . 1.33 3.63 0.60
O1 EDO J . 0.37 2.62 0.96
C2 EDO J . 2.09 3.31 -0.71
O2 EDO J . 1.85 1.95 -1.13
C1 EDO K . 10.11 -20.64 6.56
O1 EDO K . 10.64 -20.08 5.36
C2 EDO K . 10.86 -19.98 7.70
O2 EDO K . 12.14 -19.57 7.25
C1 EDO L . 16.46 11.37 18.09
O1 EDO L . 15.49 12.42 18.18
C2 EDO L . 17.02 11.32 16.67
O2 EDO L . 17.74 10.13 16.50
C1 EDO M . 10.36 11.66 35.52
O1 EDO M . 10.46 10.25 35.66
C2 EDO M . 11.72 12.23 35.16
O2 EDO M . 12.29 11.57 34.04
C1 EDO N . 8.90 0.93 31.35
O1 EDO N . 9.30 -0.35 30.89
C2 EDO N . 8.04 1.59 30.26
O2 EDO N . 8.77 1.74 29.05
C1 EDO O . 4.03 2.22 17.55
O1 EDO O . 3.15 2.45 16.44
C2 EDO O . 5.03 3.36 17.63
O2 EDO O . 4.36 4.60 17.70
C1 EDO P . 6.10 5.58 10.87
O1 EDO P . 7.38 5.35 10.29
C2 EDO P . 5.80 4.49 11.88
O2 EDO P . 5.32 5.07 13.06
C1' PEL Q . -16.21 7.59 36.66
C2' PEL Q . -16.58 7.36 35.30
C3' PEL Q . -15.62 7.55 34.28
C4' PEL Q . -14.30 7.89 34.61
C5' PEL Q . -13.91 8.11 35.97
C6' PEL Q . -14.92 8.06 36.94
CA PEL Q . -17.23 7.48 37.77
C PEL Q . -18.09 8.76 37.96
OXT PEL Q . -19.41 8.47 37.47
C FMT R . -2.43 4.97 14.83
O1 FMT R . -1.84 3.91 14.94
O2 FMT R . -1.91 6.16 15.02
ZN ZN S . 2.75 0.18 -16.97
ZN ZN T . 4.73 2.91 -16.18
NA NA U . 11.93 -18.39 -10.87
C1 EDO V . 0.64 1.36 -14.11
O1 EDO V . 1.95 1.78 -13.77
C2 EDO V . -0.30 2.36 -13.48
O2 EDO V . 0.06 3.58 -14.11
C1 EDO W . 22.79 -12.32 -3.68
O1 EDO W . 23.19 -12.43 -5.05
C2 EDO W . 21.89 -11.12 -3.50
O2 EDO W . 22.66 -9.95 -3.59
C1 EDO X . -15.00 -13.73 -9.79
O1 EDO X . -14.67 -13.70 -11.16
C2 EDO X . -14.25 -12.58 -9.13
O2 EDO X . -12.96 -13.05 -8.72
C1 EDO Y . -13.36 1.47 -13.19
O1 EDO Y . -13.18 0.09 -13.50
C2 EDO Y . -12.18 2.24 -13.75
O2 EDO Y . -10.98 1.57 -13.39
C1 EDO Z . -6.06 5.46 -31.40
O1 EDO Z . -7.17 4.74 -30.92
C2 EDO Z . -4.95 5.19 -30.38
O2 EDO Z . -4.97 6.19 -29.40
C1 EDO AA . 9.31 5.95 -5.06
O1 EDO AA . 9.94 4.79 -5.56
C2 EDO AA . 9.76 6.30 -3.63
O2 EDO AA . 11.09 6.80 -3.57
C1 EDO BA . -0.53 6.69 -12.64
O1 EDO BA . 0.44 6.25 -13.58
C2 EDO BA . 0.18 7.60 -11.66
O2 EDO BA . -0.72 8.30 -10.83
C1 EDO CA . -1.08 4.53 -18.14
O1 EDO CA . 0.24 5.07 -18.12
C2 EDO CA . -1.00 3.17 -17.56
O2 EDO CA . 0.16 3.16 -16.75
C1 EDO DA . 1.35 -19.66 -29.38
O1 EDO DA . 0.85 -20.07 -28.11
C2 EDO DA . 2.87 -19.59 -29.35
O2 EDO DA . 3.49 -20.66 -30.06
C1' PEL EA . 14.77 -10.87 -36.53
C2' PEL EA . 14.14 -9.66 -36.94
C3' PEL EA . 13.78 -8.66 -36.01
C4' PEL EA . 14.02 -8.92 -34.64
C5' PEL EA . 14.55 -10.17 -34.20
C6' PEL EA . 15.00 -11.11 -35.17
CA PEL EA . 15.17 -11.91 -37.57
C PEL EA . 16.66 -11.83 -37.95
OXT PEL EA . 17.26 -13.10 -37.66
C FMT FA . 4.97 0.20 -15.04
O1 FMT FA . 3.78 -0.02 -15.10
O2 FMT FA . 5.60 1.29 -15.40
#